data_6LEJ
#
_entry.id   6LEJ
#
_cell.length_a   167.686
_cell.length_b   76.551
_cell.length_c   125.426
_cell.angle_alpha   90.000
_cell.angle_beta   124.850
_cell.angle_gamma   90.000
#
_symmetry.space_group_name_H-M   'C 1 2 1'
#
loop_
_entity.id
_entity.type
_entity.pdbx_description
1 polymer Beta-D-glucuronidase
2 polymer Beta-D-glucuronidase
3 non-polymer '(2~{S},3~{S},4~{R},5~{R})-4,5-bis(oxidanyl)-2-propyl-piperidine-3-carboxylic acid'
4 water water
#
loop_
_entity_poly.entity_id
_entity_poly.type
_entity_poly.pdbx_seq_one_letter_code
_entity_poly.pdbx_strand_id
1 'polypeptide(L)'
;GSHMLRPVETPTREIKKLDGLWAFSLDRENCGIDQRWWESALQESRAIAVPGSFNDQFADADIRNYAGNVWYQREVFIPK
GWAGQRIVLRFDAVTHYGKVWVNNQEVMEHQGGYTPFEADVTPYVIAGKSVRITVCVNNELNWQTIPPGMVITDENGKKK
QSYFHDFFNYAGIHRSVMLYTTPNTWVDDITVVTHVAQDCNHASVDWQVVANGDVSVELRDADQQVVATGQGTSGTLQVV
NPHLWQPGEGYLYELCVTAKSQTECDIYPLRVGIRSVAVKGEQFLINHKPFYFTGFGRHEDADLRGKGFDNVLMVHDHAL
MDWIGANSYRTSHYPYAEEMLDWADEHGIVVIDETAAVGFNLSLGIGFEAGNKPKELYSEEAVNGETQQAHLQAIKELIA
RDKNHPSVVMWSIANEPDTRPQGAREYFAPLAEATRKLDPTRPITCVNVMFCDAHTDTISDLFDVLCLNRYYGWYVQSGD
LETAEKVLEKELLAWQEKLHQPIIITEYGVDTLAGLHSMYTDMWSEEYQCAWLDMYHRVFDRVSAVVGEQVWNFADFATS
QGILRVGGNKKGIFTRDRKPKSAAFLLQKRWTGMNFGEKPQQGGKQ
;
A
2 'polypeptide(L)'
;MLRPVETPTREIKKLDGLWAFSLDRENCGIDQRWWESALQESRAIAVPGSFNDQFADADIRNYAGNVWYQREVFIPKGWA
GQRIVLRFDAVTHYGKVWVNNQEVMEHQGGYTPFEADVTPYVIAGKSVRITVCVNNELNWQTIPPGMVITDENGKKKQSY
FHDFFNYAGIHRSVMLYTTPNTWVDDITVVTHVAQDCNHASVDWQVVANGDVSVELRDADQQVVATGQGTSGTLQVVNPH
LWQPGEGYLYELCVTAKSQTECDIYPLRVGIRSVAVKGEQFLINHKPFYFTGFGRHEDADLRGKGFDNVLMVHDHALMDW
IGANSYRTSHYPYAEEMLDWADEHGIVVIDETAAVGFNLSLGIGFEAGNKPKELYSEEAVNGETQQAHLQAIKELIARDK
NHPSVVMWSIANEPDTRPQGAREYFAPLAEATRKLDPTRPITCVNVMFCDAHTDTISDLFDVLCLNRYYGWYVQSGDLET
AEKVLEKELLAWQEKLHQPIIITEYGVDTLAGLHSMYTDMWSEEYQCAWLDMYHRVFDRVSAVVGEQVWNFADFATSQGI
LRVGGNKKGIFTRDRKPKSAAFLLQKRWTGMNFGEKPQQGGKQ
;
B
#
# COMPACT_ATOMS: atom_id res chain seq x y z
N GLY A 1 -17.35 22.69 13.40
CA GLY A 1 -17.97 21.87 12.38
C GLY A 1 -18.99 20.86 12.89
N SER A 2 -19.68 20.18 11.95
CA SER A 2 -20.66 19.15 12.28
C SER A 2 -20.03 18.04 13.12
N HIS A 3 -20.82 17.49 14.04
CA HIS A 3 -20.29 16.54 15.00
C HIS A 3 -19.73 15.32 14.28
N MET A 4 -18.58 14.87 14.75
CA MET A 4 -17.94 13.72 14.14
C MET A 4 -16.82 13.20 15.02
N LEU A 5 -16.77 11.88 15.24
CA LEU A 5 -15.65 11.26 15.93
C LEU A 5 -15.13 10.10 15.09
N ARG A 6 -13.90 9.69 15.40
CA ARG A 6 -13.31 8.61 14.62
C ARG A 6 -14.08 7.35 14.94
N PRO A 7 -14.46 6.55 13.96
CA PRO A 7 -15.08 5.26 14.29
C PRO A 7 -14.05 4.39 15.00
N VAL A 8 -14.30 4.09 16.28
CA VAL A 8 -13.48 3.18 17.09
C VAL A 8 -14.33 1.99 17.52
N GLU A 9 -13.65 0.86 17.76
CA GLU A 9 -14.22 -0.47 18.02
C GLU A 9 -14.38 -0.80 19.51
N THR A 10 -15.72 -0.93 19.96
CA THR A 10 -16.36 -1.05 21.29
C THR A 10 -17.20 -2.30 21.25
N PRO A 11 -18.20 -2.56 22.10
CA PRO A 11 -19.08 -3.67 21.68
C PRO A 11 -20.12 -3.41 20.54
N THR A 12 -19.95 -2.30 19.78
CA THR A 12 -20.62 -1.96 18.51
C THR A 12 -19.64 -1.56 17.37
N ARG A 13 -19.81 -2.14 16.16
CA ARG A 13 -18.74 -2.14 15.12
C ARG A 13 -19.06 -1.77 13.68
N GLU A 14 -17.95 -1.82 12.94
CA GLU A 14 -17.64 -1.30 11.63
C GLU A 14 -17.09 -2.43 10.77
N ILE A 15 -17.37 -2.28 9.49
CA ILE A 15 -16.87 -3.19 8.47
C ILE A 15 -16.23 -2.33 7.40
N LYS A 16 -14.93 -2.54 7.24
CA LYS A 16 -14.10 -1.88 6.23
C LYS A 16 -14.61 -2.09 4.82
N LYS A 17 -14.67 -1.00 4.07
CA LYS A 17 -15.08 -1.07 2.67
C LYS A 17 -14.04 -0.55 1.70
N LEU A 18 -12.79 -0.37 2.11
CA LEU A 18 -11.73 -0.14 1.14
C LEU A 18 -11.30 -1.47 0.55
N ASP A 19 -12.27 -2.19 -0.02
CA ASP A 19 -11.95 -3.44 -0.70
C ASP A 19 -11.08 -3.18 -1.92
N GLY A 20 -10.70 -1.92 -2.11
CA GLY A 20 -9.75 -1.64 -3.14
C GLY A 20 -10.41 -1.69 -4.48
N LEU A 21 -10.69 -2.88 -4.98
CA LEU A 21 -11.11 -3.03 -6.36
C LEU A 21 -12.54 -2.52 -6.50
N TRP A 22 -12.68 -1.32 -7.06
CA TRP A 22 -13.96 -0.78 -7.48
C TRP A 22 -13.98 -0.64 -8.99
N ALA A 23 -15.19 -0.40 -9.51
CA ALA A 23 -15.35 -0.05 -10.92
C ALA A 23 -15.12 1.46 -11.08
N PHE A 24 -14.24 1.82 -12.00
CA PHE A 24 -13.92 3.22 -12.24
C PHE A 24 -14.10 3.53 -13.72
N SER A 25 -14.60 4.73 -13.99
CA SER A 25 -14.73 5.23 -15.35
C SER A 25 -14.69 6.74 -15.26
N LEU A 26 -14.01 7.37 -16.20
CA LEU A 26 -14.08 8.82 -16.28
C LEU A 26 -15.30 9.23 -17.10
N ASP A 27 -15.77 10.46 -16.87
CA ASP A 27 -16.98 11.02 -17.49
C ASP A 27 -16.56 12.20 -18.35
N ARG A 28 -16.11 11.91 -19.58
CA ARG A 28 -15.39 12.89 -20.37
C ARG A 28 -16.28 14.03 -20.85
N GLU A 29 -17.55 13.76 -21.13
CA GLU A 29 -18.43 14.81 -21.60
C GLU A 29 -19.61 15.07 -20.67
N ASN A 30 -19.48 14.85 -19.37
CA ASN A 30 -20.64 14.93 -18.44
C ASN A 30 -21.93 14.39 -19.01
N CYS A 31 -21.87 13.12 -19.30
CA CYS A 31 -23.06 12.36 -19.55
C CYS A 31 -23.55 11.69 -18.26
N GLY A 32 -22.75 11.76 -17.20
CA GLY A 32 -23.03 10.99 -15.99
C GLY A 32 -24.30 11.40 -15.28
N ILE A 33 -24.42 12.67 -14.97
CA ILE A 33 -25.59 13.19 -14.28
C ILE A 33 -26.83 13.07 -15.16
N ASP A 34 -26.68 13.34 -16.47
CA ASP A 34 -27.82 13.33 -17.39
C ASP A 34 -28.46 11.94 -17.48
N GLN A 35 -27.63 10.92 -17.65
CA GLN A 35 -28.09 9.54 -17.72
C GLN A 35 -28.16 8.90 -16.37
N ARG A 36 -28.03 9.72 -15.32
CA ARG A 36 -27.89 9.34 -13.93
C ARG A 36 -27.27 7.95 -13.81
N TRP A 37 -25.96 7.90 -14.10
CA TRP A 37 -25.19 6.66 -14.14
C TRP A 37 -25.31 5.91 -12.84
N TRP A 38 -25.69 6.63 -11.78
CA TRP A 38 -25.89 6.00 -10.50
C TRP A 38 -26.95 4.89 -10.55
N GLU A 39 -27.76 4.83 -11.63
CA GLU A 39 -28.90 3.91 -11.68
C GLU A 39 -28.55 2.49 -12.14
N SER A 40 -27.62 2.32 -13.05
CA SER A 40 -27.24 0.99 -13.50
C SER A 40 -25.73 0.82 -13.39
N ALA A 41 -25.27 -0.44 -13.41
CA ALA A 41 -23.85 -0.73 -13.33
C ALA A 41 -23.06 0.05 -14.36
N LEU A 42 -21.92 0.62 -13.93
CA LEU A 42 -21.13 1.51 -14.75
C LEU A 42 -20.78 0.89 -16.10
N GLN A 43 -21.05 1.65 -17.17
CA GLN A 43 -20.79 1.24 -18.55
C GLN A 43 -19.33 1.46 -18.88
N GLU A 44 -18.66 0.43 -19.38
CA GLU A 44 -17.25 0.49 -19.77
C GLU A 44 -16.36 0.96 -18.60
N SER A 45 -16.11 0.07 -17.65
CA SER A 45 -15.33 0.38 -16.47
C SER A 45 -13.99 -0.36 -16.49
N ARG A 46 -13.12 0.03 -15.57
CA ARG A 46 -11.86 -0.65 -15.34
C ARG A 46 -11.62 -0.64 -13.84
N ALA A 47 -10.89 -1.64 -13.37
CA ALA A 47 -10.67 -1.80 -11.94
C ALA A 47 -9.76 -0.70 -11.41
N ILE A 48 -10.13 -0.14 -10.25
CA ILE A 48 -9.37 0.87 -9.55
C ILE A 48 -9.16 0.39 -8.12
N ALA A 49 -8.04 0.79 -7.51
CA ALA A 49 -7.79 0.50 -6.10
C ALA A 49 -8.22 1.67 -5.21
N VAL A 50 -8.90 1.35 -4.12
CA VAL A 50 -9.38 2.32 -3.15
C VAL A 50 -8.83 1.91 -1.79
N PRO A 51 -8.09 2.74 -1.11
CA PRO A 51 -7.76 4.13 -1.40
C PRO A 51 -6.50 4.30 -2.23
N GLY A 52 -6.50 5.32 -3.09
CA GLY A 52 -5.40 5.68 -3.96
C GLY A 52 -5.83 6.72 -4.95
N SER A 53 -4.92 7.59 -5.38
CA SER A 53 -5.29 8.54 -6.41
C SER A 53 -5.56 7.79 -7.69
N PHE A 54 -6.47 8.32 -8.49
CA PHE A 54 -6.68 7.68 -9.78
C PHE A 54 -5.64 8.08 -10.82
N ASN A 55 -4.80 9.07 -10.55
CA ASN A 55 -4.01 9.64 -11.63
C ASN A 55 -2.98 8.65 -12.15
N ASP A 56 -2.12 8.10 -11.27
CA ASP A 56 -1.01 7.25 -11.67
C ASP A 56 -1.27 5.74 -11.59
N GLN A 57 -2.50 5.28 -11.39
CA GLN A 57 -2.68 3.84 -11.31
C GLN A 57 -2.60 3.15 -12.67
N PHE A 58 -2.75 3.90 -13.77
CA PHE A 58 -2.83 3.30 -15.10
C PHE A 58 -1.70 3.72 -16.03
N ALA A 59 -0.71 4.45 -15.52
CA ALA A 59 0.46 4.79 -16.32
C ALA A 59 0.05 5.45 -17.65
N ASP A 60 -0.91 6.35 -17.58
CA ASP A 60 -1.43 6.99 -18.78
C ASP A 60 -1.61 8.47 -18.51
N ALA A 61 -0.93 9.28 -19.32
CA ALA A 61 -0.95 10.73 -19.13
C ALA A 61 -2.33 11.33 -19.34
N ASP A 62 -3.21 10.67 -20.08
CA ASP A 62 -4.50 11.27 -20.38
C ASP A 62 -5.49 11.07 -19.26
N ILE A 63 -5.28 10.08 -18.41
CA ILE A 63 -6.06 10.07 -17.19
C ILE A 63 -5.41 10.98 -16.16
N ARG A 64 -4.07 11.00 -16.15
CA ARG A 64 -3.33 11.74 -15.12
C ARG A 64 -3.71 13.21 -15.12
N ASN A 65 -3.68 13.85 -16.29
CA ASN A 65 -4.02 15.26 -16.45
C ASN A 65 -5.50 15.51 -16.67
N TYR A 66 -6.35 14.54 -16.39
CA TYR A 66 -7.78 14.68 -16.64
C TYR A 66 -8.42 15.66 -15.66
N ALA A 67 -9.36 16.49 -16.16
CA ALA A 67 -10.15 17.40 -15.32
C ALA A 67 -11.63 17.14 -15.53
N GLY A 68 -12.37 17.00 -14.45
CA GLY A 68 -13.79 16.75 -14.62
C GLY A 68 -14.35 15.78 -13.60
N ASN A 69 -15.28 14.92 -14.03
CA ASN A 69 -15.91 13.97 -13.12
C ASN A 69 -15.45 12.55 -13.41
N VAL A 70 -15.25 11.79 -12.33
CA VAL A 70 -14.91 10.38 -12.43
C VAL A 70 -15.90 9.63 -11.53
N TRP A 71 -16.02 8.33 -11.78
CA TRP A 71 -17.06 7.52 -11.17
C TRP A 71 -16.45 6.24 -10.60
N TYR A 72 -16.69 6.03 -9.30
CA TYR A 72 -16.31 4.81 -8.61
C TYR A 72 -17.58 4.06 -8.23
N GLN A 73 -17.50 2.73 -8.15
CA GLN A 73 -18.71 1.95 -7.90
C GLN A 73 -18.37 0.59 -7.31
N ARG A 74 -19.27 0.09 -6.45
CA ARG A 74 -19.04 -1.14 -5.72
C ARG A 74 -20.28 -1.68 -5.01
N GLU A 75 -20.59 -2.96 -5.19
CA GLU A 75 -21.68 -3.55 -4.43
C GLU A 75 -21.19 -4.04 -3.08
N VAL A 76 -22.10 -4.06 -2.10
CA VAL A 76 -21.78 -4.43 -0.72
C VAL A 76 -22.94 -5.25 -0.16
N PHE A 77 -22.60 -6.32 0.55
CA PHE A 77 -23.59 -7.07 1.32
C PHE A 77 -23.60 -6.54 2.74
N ILE A 78 -24.73 -6.03 3.18
CA ILE A 78 -24.78 -5.50 4.55
C ILE A 78 -25.03 -6.67 5.50
N PRO A 79 -24.20 -6.85 6.53
CA PRO A 79 -24.41 -7.97 7.45
C PRO A 79 -25.76 -7.84 8.11
N LYS A 80 -26.42 -8.99 8.36
CA LYS A 80 -27.80 -8.93 8.84
C LYS A 80 -27.87 -8.77 10.35
N GLY A 81 -26.86 -9.22 11.08
CA GLY A 81 -26.85 -9.12 12.55
C GLY A 81 -26.77 -7.67 13.00
N TRP A 82 -27.05 -6.76 12.07
CA TRP A 82 -27.08 -5.33 12.29
C TRP A 82 -28.49 -4.77 12.28
N ALA A 83 -29.49 -5.63 12.14
CA ALA A 83 -30.89 -5.19 12.12
C ALA A 83 -31.20 -4.51 13.44
N GLY A 84 -31.92 -3.40 13.37
CA GLY A 84 -32.22 -2.66 14.58
C GLY A 84 -31.04 -1.92 15.12
N GLN A 85 -30.20 -1.39 14.23
CA GLN A 85 -28.99 -0.65 14.58
C GLN A 85 -28.91 0.53 13.60
N ARG A 86 -28.20 1.59 13.97
CA ARG A 86 -28.02 2.67 13.00
C ARG A 86 -26.74 2.40 12.22
N ILE A 87 -26.93 2.37 10.87
CA ILE A 87 -25.92 2.08 9.84
C ILE A 87 -25.48 3.43 9.28
N VAL A 88 -24.18 3.74 9.33
CA VAL A 88 -23.66 5.01 8.79
C VAL A 88 -22.54 4.68 7.82
N LEU A 89 -22.47 5.44 6.72
CA LEU A 89 -21.48 5.19 5.68
C LEU A 89 -20.57 6.41 5.62
N ARG A 90 -19.30 6.21 5.95
CA ARG A 90 -18.34 7.29 6.13
C ARG A 90 -17.24 7.17 5.10
N PHE A 91 -17.00 8.27 4.39
CA PHE A 91 -15.83 8.44 3.55
C PHE A 91 -14.84 9.31 4.28
N ASP A 92 -13.62 8.82 4.48
CA ASP A 92 -12.68 9.57 5.27
C ASP A 92 -12.00 10.66 4.46
N ALA A 93 -11.95 10.50 3.17
CA ALA A 93 -11.45 11.58 2.32
C ALA A 93 -11.77 11.26 0.88
N VAL A 94 -12.60 12.07 0.23
CA VAL A 94 -12.71 12.01 -1.21
C VAL A 94 -12.20 13.34 -1.71
N THR A 95 -11.12 13.31 -2.48
CA THR A 95 -10.36 14.54 -2.67
C THR A 95 -11.04 15.46 -3.68
N HIS A 96 -11.36 16.67 -3.18
CA HIS A 96 -12.05 17.83 -3.73
C HIS A 96 -13.55 17.60 -3.59
N TYR A 97 -14.25 17.05 -4.57
CA TYR A 97 -15.70 17.02 -4.42
C TYR A 97 -16.23 15.61 -4.63
N GLY A 98 -17.20 15.25 -3.81
CA GLY A 98 -17.79 13.93 -3.89
C GLY A 98 -19.25 13.93 -3.53
N LYS A 99 -20.04 13.13 -4.25
CA LYS A 99 -21.43 12.87 -3.89
C LYS A 99 -21.74 11.43 -4.26
N VAL A 100 -22.57 10.75 -3.46
CA VAL A 100 -22.66 9.29 -3.48
C VAL A 100 -24.12 8.80 -3.46
N TRP A 101 -24.38 7.69 -4.15
CA TRP A 101 -25.69 7.04 -4.24
C TRP A 101 -25.62 5.64 -3.65
N VAL A 102 -26.52 5.37 -2.72
CA VAL A 102 -26.78 4.01 -2.25
C VAL A 102 -27.82 3.50 -3.25
N ASN A 103 -27.30 2.95 -4.34
CA ASN A 103 -28.01 2.51 -5.54
C ASN A 103 -28.74 3.66 -6.22
N ASN A 104 -29.86 4.11 -5.66
CA ASN A 104 -30.61 5.23 -6.22
C ASN A 104 -30.92 6.36 -5.25
N GLN A 105 -30.65 6.19 -3.96
CA GLN A 105 -30.86 7.26 -2.99
C GLN A 105 -29.54 7.98 -2.73
N GLU A 106 -29.51 9.30 -2.93
CA GLU A 106 -28.30 10.06 -2.65
C GLU A 106 -28.31 10.49 -1.20
N VAL A 107 -27.15 10.42 -0.56
CA VAL A 107 -27.06 10.40 0.90
C VAL A 107 -26.16 11.51 1.42
N MET A 108 -25.12 11.85 0.67
CA MET A 108 -24.06 12.75 1.10
C MET A 108 -23.60 13.62 -0.05
N GLU A 109 -22.92 14.69 0.33
CA GLU A 109 -22.30 15.64 -0.58
C GLU A 109 -21.20 16.34 0.20
N HIS A 110 -20.08 16.63 -0.46
CA HIS A 110 -18.97 17.22 0.29
C HIS A 110 -17.99 17.89 -0.66
N GLN A 111 -17.47 19.06 -0.25
CA GLN A 111 -16.45 19.78 -1.02
C GLN A 111 -15.06 19.79 -0.38
N GLY A 112 -14.91 19.36 0.88
CA GLY A 112 -13.59 19.29 1.51
C GLY A 112 -12.85 18.01 1.13
N GLY A 113 -11.62 18.17 0.64
CA GLY A 113 -10.90 17.06 0.04
C GLY A 113 -10.07 16.21 0.98
N TYR A 114 -9.99 16.60 2.26
CA TYR A 114 -9.11 15.90 3.18
C TYR A 114 -9.75 15.72 4.56
N THR A 115 -11.05 15.83 4.67
CA THR A 115 -11.74 15.64 5.93
C THR A 115 -12.93 14.72 5.68
N PRO A 116 -13.30 13.90 6.65
CA PRO A 116 -14.32 12.87 6.43
C PRO A 116 -15.70 13.49 6.29
N PHE A 117 -16.63 12.66 5.81
CA PHE A 117 -18.04 13.00 5.75
C PHE A 117 -18.85 11.71 5.76
N GLU A 118 -19.92 11.70 6.56
CA GLU A 118 -20.78 10.55 6.77
C GLU A 118 -22.22 11.06 6.78
N ALA A 119 -23.15 10.13 6.87
CA ALA A 119 -24.56 10.46 6.94
C ALA A 119 -25.29 9.22 7.42
N ASP A 120 -26.28 9.43 8.29
CA ASP A 120 -27.01 8.29 8.81
C ASP A 120 -27.85 7.74 7.64
N VAL A 121 -27.60 6.50 7.28
CA VAL A 121 -28.25 5.88 6.12
C VAL A 121 -28.98 4.62 6.55
N THR A 122 -29.33 4.56 7.84
CA THR A 122 -30.16 3.45 8.32
C THR A 122 -31.50 3.32 7.61
N PRO A 123 -32.21 4.36 7.17
CA PRO A 123 -33.48 4.12 6.49
C PRO A 123 -33.37 3.78 5.01
N TYR A 124 -32.16 3.67 4.45
CA TYR A 124 -32.02 3.41 3.02
C TYR A 124 -31.42 2.06 2.70
N VAL A 125 -31.12 1.27 3.72
CA VAL A 125 -30.65 -0.10 3.55
C VAL A 125 -31.36 -0.96 4.58
N ILE A 126 -31.52 -2.24 4.27
CA ILE A 126 -31.93 -3.22 5.26
C ILE A 126 -30.97 -4.38 5.21
N ALA A 127 -30.53 -4.80 6.40
CA ALA A 127 -29.49 -5.80 6.55
C ALA A 127 -29.86 -7.07 5.80
N GLY A 128 -28.85 -7.68 5.16
CA GLY A 128 -28.96 -8.99 4.54
C GLY A 128 -28.77 -8.98 3.04
N LYS A 129 -29.07 -7.87 2.37
CA LYS A 129 -28.96 -7.85 0.91
C LYS A 129 -27.89 -6.83 0.50
N SER A 130 -27.53 -6.87 -0.79
CA SER A 130 -26.38 -6.14 -1.27
C SER A 130 -26.83 -4.97 -2.14
N VAL A 131 -26.35 -3.78 -1.79
CA VAL A 131 -26.72 -2.55 -2.46
C VAL A 131 -25.47 -1.99 -3.13
N ARG A 132 -25.70 -1.24 -4.21
CA ARG A 132 -24.63 -0.66 -5.03
C ARG A 132 -24.30 0.77 -4.60
N ILE A 133 -23.03 1.00 -4.29
CA ILE A 133 -22.53 2.33 -3.94
C ILE A 133 -21.93 2.93 -5.20
N THR A 134 -22.39 4.13 -5.54
CA THR A 134 -21.88 4.87 -6.69
C THR A 134 -21.39 6.22 -6.19
N VAL A 135 -20.17 6.58 -6.55
CA VAL A 135 -19.58 7.85 -6.12
C VAL A 135 -19.20 8.66 -7.34
N CYS A 136 -19.52 9.95 -7.30
CA CYS A 136 -19.11 10.94 -8.28
C CYS A 136 -18.06 11.85 -7.65
N VAL A 137 -16.86 11.85 -8.24
CA VAL A 137 -15.70 12.57 -7.73
C VAL A 137 -15.31 13.66 -8.72
N ASN A 138 -15.18 14.87 -8.22
CA ASN A 138 -14.76 16.01 -9.03
C ASN A 138 -13.42 16.51 -8.52
N ASN A 139 -12.56 16.87 -9.46
CA ASN A 139 -11.20 17.31 -9.16
C ASN A 139 -10.97 18.74 -9.65
N GLU A 140 -12.02 19.55 -9.73
CA GLU A 140 -11.91 20.91 -10.25
C GLU A 140 -11.71 21.91 -9.11
N LEU A 141 -10.89 22.92 -9.34
CA LEU A 141 -10.66 23.95 -8.34
C LEU A 141 -11.03 25.30 -8.93
N ASN A 142 -11.90 26.06 -8.25
CA ASN A 142 -12.17 27.46 -8.58
C ASN A 142 -11.73 28.33 -7.40
N TRP A 143 -12.10 29.61 -7.43
CA TRP A 143 -11.62 30.54 -6.40
C TRP A 143 -12.31 30.36 -5.06
N GLN A 144 -13.41 29.62 -5.00
CA GLN A 144 -14.07 29.34 -3.74
C GLN A 144 -13.78 27.95 -3.21
N THR A 145 -12.71 27.31 -3.68
CA THR A 145 -12.28 26.03 -3.15
C THR A 145 -11.11 26.24 -2.22
N ILE A 146 -10.87 25.26 -1.36
CA ILE A 146 -9.69 25.22 -0.51
C ILE A 146 -8.94 23.93 -0.85
N PRO A 147 -7.85 24.01 -1.64
CA PRO A 147 -7.22 25.23 -2.15
C PRO A 147 -7.90 25.78 -3.39
N PRO A 148 -7.63 27.04 -3.72
CA PRO A 148 -8.20 27.64 -4.93
C PRO A 148 -7.45 27.23 -6.20
N GLY A 149 -8.06 27.57 -7.32
CA GLY A 149 -7.52 27.31 -8.64
C GLY A 149 -8.39 27.94 -9.71
N MET A 150 -7.99 27.75 -10.97
CA MET A 150 -8.72 28.22 -12.14
C MET A 150 -8.73 27.09 -13.17
N VAL A 151 -9.91 26.52 -13.41
CA VAL A 151 -10.08 25.64 -14.56
C VAL A 151 -10.12 26.51 -15.80
N ILE A 152 -9.45 26.09 -16.86
CA ILE A 152 -9.56 26.85 -18.10
C ILE A 152 -9.86 25.91 -19.25
N THR A 153 -10.82 26.34 -20.04
CA THR A 153 -11.39 25.60 -21.17
C THR A 153 -10.77 26.14 -22.45
N ASP A 154 -10.12 25.26 -23.23
CA ASP A 154 -9.51 25.69 -24.48
C ASP A 154 -10.59 25.82 -25.56
N GLU A 155 -10.15 26.05 -26.81
CA GLU A 155 -11.08 26.25 -27.93
C GLU A 155 -12.00 25.06 -28.09
N ASN A 156 -11.51 23.87 -27.77
CA ASN A 156 -12.22 22.62 -28.04
C ASN A 156 -13.09 22.16 -26.88
N GLY A 157 -13.12 22.89 -25.77
CA GLY A 157 -13.90 22.49 -24.62
C GLY A 157 -13.20 21.56 -23.66
N LYS A 158 -11.95 21.16 -23.91
CA LYS A 158 -11.24 20.35 -22.94
C LYS A 158 -10.80 21.19 -21.73
N LYS A 159 -11.07 20.68 -20.53
CA LYS A 159 -10.62 21.31 -19.30
C LYS A 159 -9.14 21.07 -19.02
N LYS A 160 -8.45 22.09 -18.52
CA LYS A 160 -7.13 21.89 -17.90
C LYS A 160 -7.10 22.70 -16.62
N GLN A 161 -6.70 22.06 -15.53
CA GLN A 161 -6.74 22.69 -14.23
C GLN A 161 -5.45 23.44 -13.98
N SER A 162 -5.58 24.70 -13.60
CA SER A 162 -4.46 25.51 -13.19
C SER A 162 -4.56 25.79 -11.70
N TYR A 163 -3.44 25.74 -10.99
CA TYR A 163 -3.47 26.01 -9.56
C TYR A 163 -2.22 26.78 -9.17
N PHE A 164 -2.12 27.12 -7.90
CA PHE A 164 -1.02 27.99 -7.51
C PHE A 164 -0.25 27.40 -6.32
N HIS A 165 -0.33 26.08 -6.12
CA HIS A 165 0.50 25.41 -5.14
C HIS A 165 1.53 24.52 -5.84
N ASP A 166 2.58 24.16 -5.10
CA ASP A 166 3.65 23.38 -5.70
C ASP A 166 3.16 21.97 -6.04
N PHE A 167 2.73 21.20 -5.04
CA PHE A 167 2.42 19.77 -5.19
C PHE A 167 1.33 19.52 -6.25
N PHE A 168 1.35 18.31 -6.81
CA PHE A 168 0.44 17.91 -7.88
C PHE A 168 -0.95 17.61 -7.34
N ASN A 169 -1.96 17.99 -8.13
CA ASN A 169 -3.37 17.99 -7.74
C ASN A 169 -3.97 16.58 -7.89
N TYR A 170 -3.45 15.66 -7.09
CA TYR A 170 -3.99 14.30 -7.07
C TYR A 170 -5.45 14.31 -6.60
N ALA A 171 -6.21 13.32 -7.06
CA ALA A 171 -7.63 13.25 -6.70
C ALA A 171 -8.05 11.79 -6.58
N GLY A 172 -9.32 11.58 -6.24
CA GLY A 172 -9.89 10.26 -6.03
C GLY A 172 -10.33 10.07 -4.59
N ILE A 173 -10.60 8.82 -4.24
CA ILE A 173 -10.86 8.47 -2.84
C ILE A 173 -9.53 8.10 -2.23
N HIS A 174 -8.95 9.01 -1.46
CA HIS A 174 -7.60 8.87 -0.95
C HIS A 174 -7.50 8.09 0.34
N ARG A 175 -8.59 7.91 1.07
CA ARG A 175 -8.52 7.33 2.41
C ARG A 175 -9.64 6.30 2.56
N SER A 176 -9.96 5.97 3.81
CA SER A 176 -10.84 4.84 4.11
C SER A 176 -12.28 5.12 3.69
N VAL A 177 -12.89 4.13 3.06
CA VAL A 177 -14.34 4.06 2.92
C VAL A 177 -14.82 3.00 3.89
N MET A 178 -16.03 3.17 4.45
CA MET A 178 -16.33 2.42 5.66
C MET A 178 -17.80 2.41 6.04
N LEU A 179 -18.42 1.23 6.18
CA LEU A 179 -19.75 1.15 6.78
C LEU A 179 -19.60 0.82 8.25
N TYR A 180 -20.31 1.54 9.12
CA TYR A 180 -20.15 1.27 10.54
C TYR A 180 -21.49 1.31 11.24
N THR A 181 -21.62 0.52 12.29
CA THR A 181 -22.87 0.32 13.01
C THR A 181 -22.72 0.82 14.44
N THR A 182 -23.75 1.51 14.89
CA THR A 182 -23.82 2.05 16.24
C THR A 182 -25.22 1.84 16.82
N PRO A 183 -25.31 1.64 18.13
CA PRO A 183 -26.63 1.48 18.77
C PRO A 183 -27.46 2.75 18.63
N ASN A 184 -28.79 2.58 18.70
CA ASN A 184 -29.70 3.70 18.41
C ASN A 184 -29.63 4.80 19.45
N THR A 185 -28.65 4.77 20.36
CA THR A 185 -28.36 5.87 21.28
C THR A 185 -27.03 6.48 20.82
N TRP A 186 -27.09 7.75 20.45
CA TRP A 186 -26.02 8.40 19.70
C TRP A 186 -24.97 9.03 20.62
N VAL A 187 -23.70 8.66 20.45
CA VAL A 187 -22.65 9.48 21.03
C VAL A 187 -22.07 10.25 19.86
N ASP A 188 -22.68 11.40 19.54
CA ASP A 188 -22.36 12.08 18.30
C ASP A 188 -21.04 12.85 18.37
N ASP A 189 -20.69 13.38 19.54
CA ASP A 189 -19.49 14.20 19.64
C ASP A 189 -19.01 14.25 21.08
N ILE A 190 -17.70 14.41 21.22
CA ILE A 190 -17.02 14.57 22.50
C ILE A 190 -15.99 15.67 22.36
N THR A 191 -15.80 16.46 23.40
CA THR A 191 -14.71 17.42 23.45
C THR A 191 -14.03 17.31 24.81
N VAL A 192 -12.71 17.28 24.80
CA VAL A 192 -11.92 17.12 26.01
C VAL A 192 -10.91 18.24 26.03
N VAL A 193 -10.68 18.84 27.21
CA VAL A 193 -9.62 19.85 27.33
C VAL A 193 -8.88 19.64 28.63
N THR A 194 -7.59 19.90 28.60
CA THR A 194 -6.65 19.52 29.63
C THR A 194 -6.05 20.74 30.30
N HIS A 195 -5.83 20.67 31.62
CA HIS A 195 -5.08 21.71 32.32
C HIS A 195 -4.04 21.08 33.25
N VAL A 196 -2.94 21.81 33.48
CA VAL A 196 -1.89 21.37 34.40
C VAL A 196 -1.30 22.62 35.06
N ALA A 197 -0.64 22.43 36.22
CA ALA A 197 -0.09 23.57 36.95
C ALA A 197 1.43 23.48 37.14
N GLN A 198 1.91 22.53 37.94
CA GLN A 198 3.33 22.28 38.17
C GLN A 198 3.61 20.79 38.07
N ASP A 199 2.96 20.14 37.10
CA ASP A 199 3.13 18.72 36.81
C ASP A 199 2.64 17.80 37.93
N CYS A 200 2.12 18.35 39.01
CA CYS A 200 1.74 17.47 40.10
C CYS A 200 0.35 16.90 39.91
N ASN A 201 -0.62 17.73 39.55
CA ASN A 201 -2.02 17.33 39.41
C ASN A 201 -2.76 18.46 38.72
N HIS A 202 -3.62 18.10 37.75
CA HIS A 202 -4.91 18.75 37.54
C HIS A 202 -5.76 17.97 36.54
N ALA A 203 -6.68 18.65 35.88
CA ALA A 203 -7.98 18.17 35.47
C ALA A 203 -8.17 18.31 33.97
N SER A 204 -9.28 17.75 33.51
CA SER A 204 -9.65 17.77 32.10
C SER A 204 -11.12 18.15 32.04
N VAL A 205 -11.41 19.42 31.75
CA VAL A 205 -12.80 19.74 31.63
C VAL A 205 -13.34 18.96 30.44
N ASP A 206 -14.65 18.88 30.36
CA ASP A 206 -15.27 18.06 29.34
C ASP A 206 -16.66 18.53 28.97
N TRP A 207 -17.01 18.24 27.72
CA TRP A 207 -18.28 18.57 27.11
C TRP A 207 -18.61 17.40 26.22
N GLN A 208 -19.90 17.09 26.09
CA GLN A 208 -20.28 16.01 25.18
C GLN A 208 -21.66 16.20 24.62
N VAL A 209 -21.80 15.98 23.32
CA VAL A 209 -23.11 15.85 22.74
C VAL A 209 -23.29 14.37 22.53
N VAL A 210 -24.30 13.86 23.20
CA VAL A 210 -24.71 12.49 23.11
C VAL A 210 -26.20 12.61 22.84
N ALA A 211 -26.58 12.46 21.57
CA ALA A 211 -27.95 12.79 21.17
C ALA A 211 -28.98 11.98 21.95
N ASN A 212 -28.67 10.75 22.33
CA ASN A 212 -29.77 9.97 22.86
C ASN A 212 -29.61 9.40 24.26
N GLY A 213 -29.28 10.18 25.27
CA GLY A 213 -29.42 9.63 26.60
C GLY A 213 -28.33 10.03 27.59
N ASP A 214 -28.50 9.50 28.81
CA ASP A 214 -27.61 9.74 29.94
C ASP A 214 -26.17 9.38 29.59
N VAL A 215 -25.21 10.09 30.19
CA VAL A 215 -23.80 9.80 29.98
C VAL A 215 -23.08 9.76 31.32
N SER A 216 -22.29 8.69 31.53
CA SER A 216 -21.31 8.61 32.58
C SER A 216 -19.95 8.42 31.94
N VAL A 217 -18.88 8.85 32.60
CA VAL A 217 -17.57 8.69 32.01
C VAL A 217 -16.60 8.15 33.05
N GLU A 218 -15.63 7.39 32.57
CA GLU A 218 -14.54 6.89 33.40
C GLU A 218 -13.25 7.13 32.65
N LEU A 219 -12.34 7.89 33.25
CA LEU A 219 -11.00 7.99 32.67
C LEU A 219 -10.17 6.85 33.26
N ARG A 220 -9.68 5.98 32.38
CA ARG A 220 -8.91 4.80 32.74
C ARG A 220 -7.46 4.96 32.31
N ASP A 221 -6.66 4.04 32.82
CA ASP A 221 -5.21 4.09 32.89
C ASP A 221 -4.65 3.36 31.69
N ALA A 222 -3.33 3.39 31.54
CA ALA A 222 -2.73 2.50 30.56
C ALA A 222 -3.00 1.05 30.96
N ASP A 223 -3.14 0.81 32.26
CA ASP A 223 -3.55 -0.45 32.86
C ASP A 223 -5.06 -0.65 32.78
N GLN A 224 -5.77 0.30 32.19
CA GLN A 224 -7.22 0.42 32.30
C GLN A 224 -7.69 0.14 33.71
N GLN A 225 -7.07 0.83 34.67
CA GLN A 225 -7.58 0.97 36.03
C GLN A 225 -8.26 2.32 36.18
N VAL A 226 -9.47 2.33 36.74
CA VAL A 226 -10.24 3.58 36.86
C VAL A 226 -9.51 4.53 37.78
N VAL A 227 -9.21 5.71 37.26
CA VAL A 227 -8.57 6.75 38.03
C VAL A 227 -9.49 7.94 38.32
N ALA A 228 -10.63 8.07 37.63
CA ALA A 228 -11.70 9.00 38.01
C ALA A 228 -12.95 8.76 37.15
N THR A 229 -14.07 9.29 37.66
CA THR A 229 -15.41 9.06 37.12
C THR A 229 -16.18 10.37 37.12
N GLY A 230 -17.00 10.57 36.09
CA GLY A 230 -17.87 11.73 36.01
C GLY A 230 -19.27 11.36 35.59
N GLN A 231 -20.15 12.37 35.66
CA GLN A 231 -21.56 12.18 35.38
C GLN A 231 -22.15 13.48 34.84
N GLY A 232 -22.76 13.42 33.65
CA GLY A 232 -23.33 14.60 33.03
C GLY A 232 -22.99 14.87 31.57
N THR A 233 -23.92 15.49 30.85
CA THR A 233 -23.72 15.74 29.42
C THR A 233 -22.60 16.74 29.18
N SER A 234 -22.27 17.52 30.19
CA SER A 234 -21.16 18.46 30.14
C SER A 234 -20.58 18.54 31.54
N GLY A 235 -19.74 19.53 31.76
CA GLY A 235 -18.97 19.61 32.97
C GLY A 235 -17.96 18.50 32.92
N THR A 236 -18.36 17.36 33.46
CA THR A 236 -17.55 16.13 33.46
C THR A 236 -16.09 16.45 33.79
N LEU A 237 -15.88 17.29 34.80
CA LEU A 237 -14.54 17.50 35.29
C LEU A 237 -14.16 16.37 36.26
N GLN A 238 -12.89 16.01 36.26
CA GLN A 238 -12.28 15.21 37.30
C GLN A 238 -10.85 15.69 37.44
N VAL A 239 -10.25 15.43 38.60
CA VAL A 239 -8.88 15.85 38.84
C VAL A 239 -8.03 14.59 39.01
N VAL A 240 -6.73 14.69 38.71
CA VAL A 240 -5.83 13.52 38.70
C VAL A 240 -4.55 13.81 39.49
N ASN A 241 -3.59 12.87 39.43
CA ASN A 241 -2.19 13.11 39.80
C ASN A 241 -1.32 12.44 38.73
N PRO A 242 -1.44 12.89 37.49
CA PRO A 242 -1.19 11.99 36.37
C PRO A 242 0.25 12.03 35.92
N HIS A 243 0.55 11.06 35.06
CA HIS A 243 1.73 11.03 34.22
C HIS A 243 1.30 11.63 32.88
N LEU A 244 1.80 12.83 32.59
CA LEU A 244 1.17 13.66 31.58
C LEU A 244 1.88 13.52 30.23
N TRP A 245 1.11 13.74 29.16
CA TRP A 245 1.58 13.50 27.80
C TRP A 245 2.78 14.36 27.51
N GLN A 246 3.91 13.70 27.23
CA GLN A 246 5.17 14.37 26.98
C GLN A 246 5.68 13.99 25.59
N PRO A 247 6.33 14.93 24.90
CA PRO A 247 6.91 14.62 23.58
C PRO A 247 7.67 13.30 23.47
N GLY A 248 8.62 13.01 24.34
CA GLY A 248 9.36 11.78 24.10
C GLY A 248 8.54 10.49 24.24
N GLU A 249 7.45 10.53 25.02
CA GLU A 249 6.72 9.32 25.41
C GLU A 249 5.30 9.27 24.86
N GLY A 250 4.45 10.21 25.25
CA GLY A 250 3.06 10.17 24.85
C GLY A 250 2.20 9.23 25.66
N TYR A 251 2.03 9.55 26.94
CA TYR A 251 1.15 8.78 27.81
C TYR A 251 -0.30 9.13 27.53
N LEU A 252 -1.10 8.10 27.23
CA LEU A 252 -2.51 8.29 26.86
C LEU A 252 -3.41 7.58 27.85
N TYR A 253 -4.16 8.35 28.64
CA TYR A 253 -5.32 7.82 29.32
C TYR A 253 -6.41 7.50 28.30
N GLU A 254 -7.50 6.92 28.79
CA GLU A 254 -8.62 6.55 27.93
C GLU A 254 -9.89 7.08 28.55
N LEU A 255 -10.56 7.98 27.86
CA LEU A 255 -11.85 8.50 28.32
C LEU A 255 -12.93 7.59 27.78
N CYS A 256 -13.49 6.78 28.66
CA CYS A 256 -14.54 5.86 28.29
C CYS A 256 -15.85 6.57 28.62
N VAL A 257 -16.52 7.10 27.61
CA VAL A 257 -17.83 7.71 27.79
C VAL A 257 -18.89 6.68 27.45
N THR A 258 -19.82 6.50 28.35
CA THR A 258 -20.94 5.61 28.15
C THR A 258 -22.20 6.45 28.07
N ALA A 259 -23.10 6.01 27.21
CA ALA A 259 -24.38 6.65 26.92
C ALA A 259 -25.45 5.59 27.19
N LYS A 260 -26.06 5.67 28.37
CA LYS A 260 -27.18 4.82 28.76
C LYS A 260 -28.48 5.43 28.29
N SER A 261 -29.19 4.73 27.40
CA SER A 261 -30.59 5.03 27.14
C SER A 261 -31.45 4.12 28.01
N GLN A 262 -32.76 4.12 27.79
CA GLN A 262 -33.58 3.36 28.71
C GLN A 262 -33.54 1.88 28.38
N THR A 263 -33.29 1.55 27.10
CA THR A 263 -33.04 0.19 26.67
C THR A 263 -31.65 -0.06 26.10
N GLU A 264 -31.06 0.91 25.40
CA GLU A 264 -29.78 0.72 24.71
C GLU A 264 -28.62 1.42 25.40
N CYS A 265 -27.46 0.77 25.39
CA CYS A 265 -26.20 1.32 25.86
C CYS A 265 -25.29 1.64 24.66
N ASP A 266 -24.40 2.62 24.83
CA ASP A 266 -23.38 2.93 23.82
C ASP A 266 -22.07 3.27 24.51
N ILE A 267 -20.96 2.69 24.05
CA ILE A 267 -19.66 2.84 24.68
C ILE A 267 -18.69 3.43 23.68
N TYR A 268 -18.01 4.51 24.06
CA TYR A 268 -16.97 5.09 23.21
C TYR A 268 -15.70 5.29 24.02
N PRO A 269 -14.55 4.72 23.59
CA PRO A 269 -13.27 5.05 24.20
C PRO A 269 -12.54 6.10 23.38
N LEU A 270 -12.17 7.21 24.00
CA LEU A 270 -11.47 8.28 23.31
C LEU A 270 -10.16 8.51 24.03
N ARG A 271 -9.04 8.33 23.32
CA ARG A 271 -7.74 8.42 23.96
C ARG A 271 -7.39 9.87 24.24
N VAL A 272 -6.91 10.16 25.45
CA VAL A 272 -6.61 11.53 25.84
C VAL A 272 -5.19 11.59 26.37
N GLY A 273 -4.51 12.69 26.07
CA GLY A 273 -3.23 12.89 26.69
C GLY A 273 -3.30 14.18 27.47
N ILE A 274 -2.79 14.15 28.70
CA ILE A 274 -2.79 15.31 29.57
C ILE A 274 -1.64 16.24 29.22
N ARG A 275 -1.84 17.16 28.28
CA ARG A 275 -0.82 18.11 27.89
C ARG A 275 -1.38 19.52 27.91
N SER A 276 -0.53 20.51 28.16
CA SER A 276 -0.93 21.90 28.11
C SER A 276 0.06 22.63 27.22
N VAL A 277 -0.40 23.17 26.10
CA VAL A 277 0.45 24.01 25.23
C VAL A 277 0.09 25.46 25.46
N ALA A 278 1.10 26.35 25.49
CA ALA A 278 0.86 27.79 25.32
C ALA A 278 2.15 28.47 24.86
N VAL A 279 2.08 29.78 24.61
CA VAL A 279 3.27 30.55 24.25
C VAL A 279 3.41 31.69 25.21
N LYS A 280 4.64 31.95 25.65
CA LYS A 280 4.95 33.06 26.54
C LYS A 280 6.19 33.76 26.04
N GLY A 281 6.00 34.99 25.58
CA GLY A 281 7.05 35.81 25.04
C GLY A 281 7.57 35.14 23.79
N GLU A 282 8.79 34.64 23.87
CA GLU A 282 9.44 34.01 22.73
C GLU A 282 9.60 32.51 22.90
N GLN A 283 8.86 31.93 23.82
CA GLN A 283 9.03 30.53 24.16
C GLN A 283 7.71 29.82 23.90
N PHE A 284 7.79 28.67 23.25
CA PHE A 284 6.67 27.74 23.05
C PHE A 284 6.68 26.66 24.14
N LEU A 285 5.84 26.83 25.16
CA LEU A 285 5.78 25.90 26.27
C LEU A 285 4.88 24.69 26.00
N ILE A 286 5.30 23.55 26.52
CA ILE A 286 4.52 22.33 26.60
C ILE A 286 4.73 21.81 28.01
N ASN A 287 3.64 21.63 28.76
CA ASN A 287 3.72 21.37 30.19
C ASN A 287 4.74 22.31 30.85
N HIS A 288 4.57 23.60 30.55
CA HIS A 288 5.29 24.73 31.17
C HIS A 288 6.79 24.68 30.93
N LYS A 289 7.24 24.05 29.84
CA LYS A 289 8.65 23.91 29.59
C LYS A 289 8.89 24.33 28.15
N PRO A 290 9.88 25.16 27.85
CA PRO A 290 10.19 25.47 26.46
C PRO A 290 10.40 24.22 25.61
N PHE A 291 10.18 24.35 24.32
CA PHE A 291 10.31 23.21 23.44
C PHE A 291 11.07 23.64 22.19
N TYR A 292 11.80 22.70 21.60
CA TYR A 292 12.42 22.91 20.30
C TYR A 292 11.84 21.93 19.29
N PHE A 293 11.11 22.44 18.30
CA PHE A 293 10.65 21.60 17.20
C PHE A 293 11.81 21.19 16.28
N THR A 294 11.89 19.92 15.92
CA THR A 294 12.80 19.45 14.87
C THR A 294 12.01 18.58 13.90
N GLY A 295 12.31 18.66 12.62
CA GLY A 295 11.62 17.72 11.78
C GLY A 295 11.37 18.30 10.40
N PHE A 296 10.15 18.10 9.90
CA PHE A 296 9.89 18.27 8.48
C PHE A 296 8.53 18.89 8.17
N GLY A 297 8.48 19.58 7.03
CA GLY A 297 7.23 19.67 6.29
C GLY A 297 7.10 18.40 5.48
N ARG A 298 5.94 17.73 5.54
CA ARG A 298 5.81 16.45 4.85
C ARG A 298 4.85 16.58 3.65
N HIS A 299 4.47 15.43 3.10
CA HIS A 299 3.43 15.36 2.08
C HIS A 299 2.82 13.96 2.08
N GLU A 300 1.56 13.89 1.67
CA GLU A 300 0.93 12.60 1.37
C GLU A 300 1.21 12.36 -0.12
N ASP A 301 2.24 11.56 -0.40
CA ASP A 301 2.77 11.39 -1.76
C ASP A 301 3.68 10.17 -1.80
N ALA A 302 3.37 9.23 -2.68
CA ALA A 302 4.19 8.05 -2.88
C ALA A 302 4.12 7.66 -4.34
N ASP A 303 4.82 6.59 -4.70
CA ASP A 303 5.22 6.41 -6.08
C ASP A 303 4.08 5.97 -6.99
N LEU A 304 3.13 5.19 -6.50
CA LEU A 304 2.06 4.78 -7.42
C LEU A 304 0.66 5.01 -6.89
N ARG A 305 0.50 5.39 -5.63
CA ARG A 305 -0.79 5.63 -5.02
C ARG A 305 -1.13 7.13 -4.95
N GLY A 306 -0.24 8.00 -5.42
CA GLY A 306 -0.46 9.44 -5.23
C GLY A 306 -0.52 9.76 -3.74
N LYS A 307 -1.66 10.32 -3.31
CA LYS A 307 -1.92 10.67 -1.92
C LYS A 307 -2.69 9.61 -1.14
N GLY A 308 -2.85 8.42 -1.71
CA GLY A 308 -3.60 7.35 -1.05
C GLY A 308 -2.95 6.93 0.25
N PHE A 309 -3.72 6.83 1.34
CA PHE A 309 -3.10 6.40 2.58
C PHE A 309 -2.64 4.94 2.47
N ASP A 310 -1.50 4.63 3.12
CA ASP A 310 -0.92 3.28 3.11
C ASP A 310 -0.18 2.98 4.43
N ASN A 311 -0.52 1.84 5.05
CA ASN A 311 0.00 1.54 6.38
C ASN A 311 1.51 1.31 6.39
N VAL A 312 2.02 0.53 5.42
CA VAL A 312 3.46 0.30 5.32
C VAL A 312 4.19 1.63 5.22
N LEU A 313 3.69 2.52 4.36
CA LEU A 313 4.28 3.83 4.18
C LEU A 313 4.30 4.60 5.49
N MET A 314 3.23 4.51 6.28
CA MET A 314 3.21 5.20 7.56
C MET A 314 4.24 4.62 8.50
N VAL A 315 4.29 3.29 8.61
CA VAL A 315 5.22 2.64 9.53
C VAL A 315 6.67 2.97 9.15
N HIS A 316 7.01 2.86 7.85
CA HIS A 316 8.38 3.07 7.40
C HIS A 316 8.79 4.53 7.52
N ASP A 317 7.86 5.45 7.22
CA ASP A 317 8.24 6.85 7.30
C ASP A 317 8.38 7.29 8.75
N HIS A 318 7.61 6.68 9.66
CA HIS A 318 7.87 6.98 11.07
C HIS A 318 9.19 6.36 11.53
N ALA A 319 9.54 5.19 11.01
CA ALA A 319 10.85 4.63 11.35
C ALA A 319 11.98 5.57 10.94
N LEU A 320 11.86 6.20 9.76
CA LEU A 320 12.91 7.13 9.31
C LEU A 320 12.93 8.40 10.15
N MET A 321 11.76 9.01 10.38
CA MET A 321 11.75 10.23 11.17
C MET A 321 12.25 9.97 12.58
N ASP A 322 11.96 8.79 13.12
CA ASP A 322 12.44 8.46 14.44
C ASP A 322 13.95 8.31 14.43
N TRP A 323 14.47 7.55 13.48
CA TRP A 323 15.91 7.42 13.36
C TRP A 323 16.56 8.80 13.22
N ILE A 324 16.04 9.61 12.31
CA ILE A 324 16.71 10.85 12.00
C ILE A 324 16.68 11.84 13.14
N GLY A 325 15.89 11.58 14.19
CA GLY A 325 15.87 12.48 15.32
C GLY A 325 14.73 13.46 15.32
N ALA A 326 13.88 13.44 14.31
CA ALA A 326 12.73 14.35 14.29
C ALA A 326 11.82 14.10 15.48
N ASN A 327 11.38 15.18 16.10
CA ASN A 327 10.39 15.14 17.17
C ASN A 327 9.07 15.80 16.78
N SER A 328 8.97 16.36 15.58
CA SER A 328 7.77 17.10 15.21
C SER A 328 7.67 17.13 13.70
N TYR A 329 6.51 17.50 13.20
CA TYR A 329 6.37 17.76 11.77
C TYR A 329 5.09 18.56 11.56
N ARG A 330 4.85 19.05 10.34
CA ARG A 330 3.57 19.74 10.15
C ARG A 330 2.89 19.16 8.93
N THR A 331 1.57 18.98 9.02
CA THR A 331 0.82 18.36 7.94
C THR A 331 0.73 19.34 6.76
N SER A 332 1.82 19.39 5.98
CA SER A 332 2.06 20.42 4.98
C SER A 332 0.94 20.41 3.96
N HIS A 333 0.17 21.49 3.95
CA HIS A 333 -0.70 21.99 2.90
C HIS A 333 -2.03 21.26 2.78
N TYR A 334 -2.36 20.33 3.67
CA TYR A 334 -3.74 19.82 3.78
C TYR A 334 -3.83 18.98 5.04
N PRO A 335 -5.03 18.74 5.55
CA PRO A 335 -5.18 17.82 6.68
C PRO A 335 -4.76 16.43 6.27
N TYR A 336 -4.10 15.74 7.19
CA TYR A 336 -3.57 14.43 6.89
C TYR A 336 -4.57 13.33 7.29
N ALA A 337 -4.23 12.11 6.94
CA ALA A 337 -4.98 10.94 7.41
C ALA A 337 -4.94 10.84 8.94
N GLU A 338 -6.12 10.79 9.56
CA GLU A 338 -6.19 10.72 11.02
C GLU A 338 -5.33 9.57 11.61
N GLU A 339 -5.09 8.51 10.84
CA GLU A 339 -4.16 7.47 11.28
C GLU A 339 -2.84 8.08 11.75
N MET A 340 -2.38 9.12 11.06
CA MET A 340 -1.10 9.71 11.41
C MET A 340 -1.15 10.51 12.70
N LEU A 341 -2.31 11.11 13.00
CA LEU A 341 -2.45 11.84 14.25
C LEU A 341 -2.67 10.91 15.43
N ASP A 342 -3.27 9.73 15.18
CA ASP A 342 -3.29 8.68 16.20
C ASP A 342 -1.90 8.15 16.47
N TRP A 343 -1.12 7.90 15.40
CA TRP A 343 0.26 7.49 15.59
C TRP A 343 1.04 8.51 16.42
N ALA A 344 1.03 9.77 15.98
CA ALA A 344 1.71 10.83 16.74
C ALA A 344 1.22 10.88 18.17
N ASP A 345 -0.08 10.63 18.38
CA ASP A 345 -0.63 10.58 19.73
C ASP A 345 0.05 9.51 20.57
N GLU A 346 0.09 8.28 20.07
CA GLU A 346 0.62 7.18 20.85
C GLU A 346 2.14 7.29 21.08
N HIS A 347 2.88 7.85 20.11
CA HIS A 347 4.34 7.93 20.19
C HIS A 347 4.86 9.27 20.67
N GLY A 348 3.99 10.25 20.94
CA GLY A 348 4.49 11.53 21.38
C GLY A 348 5.11 12.39 20.30
N ILE A 349 4.62 12.30 19.07
CA ILE A 349 5.06 13.18 18.00
C ILE A 349 4.21 14.45 18.03
N VAL A 350 4.86 15.59 18.03
CA VAL A 350 4.20 16.88 18.00
C VAL A 350 3.92 17.30 16.56
N VAL A 351 2.70 17.79 16.33
CA VAL A 351 2.20 18.02 14.98
C VAL A 351 1.66 19.44 14.89
N ILE A 352 2.08 20.18 13.86
CA ILE A 352 1.42 21.45 13.52
C ILE A 352 0.36 21.15 12.47
N ASP A 353 -0.92 21.27 12.85
CA ASP A 353 -2.03 20.90 11.99
C ASP A 353 -2.44 22.06 11.08
N GLU A 354 -2.46 21.82 9.77
CA GLU A 354 -2.70 22.83 8.75
C GLU A 354 -3.92 22.50 7.89
N THR A 355 -4.61 23.53 7.42
CA THR A 355 -5.71 23.36 6.50
C THR A 355 -5.21 23.33 5.06
N ALA A 356 -6.13 23.15 4.12
CA ALA A 356 -5.73 23.01 2.73
C ALA A 356 -5.58 24.35 1.99
N ALA A 357 -5.51 25.46 2.74
CA ALA A 357 -5.50 26.81 2.18
C ALA A 357 -4.09 27.22 1.70
N VAL A 358 -3.71 26.67 0.54
CA VAL A 358 -2.48 27.07 -0.15
C VAL A 358 -2.83 27.64 -1.51
N GLY A 359 -1.94 28.46 -2.02
CA GLY A 359 -2.13 29.05 -3.31
C GLY A 359 -2.84 30.38 -3.31
N PHE A 360 -3.10 30.95 -2.12
CA PHE A 360 -3.63 32.32 -1.96
C PHE A 360 -2.51 33.32 -2.20
N ASN A 361 -1.95 33.25 -3.41
CA ASN A 361 -0.78 33.99 -3.80
C ASN A 361 -0.55 33.83 -5.30
N LEU A 362 -0.48 34.94 -6.05
CA LEU A 362 -0.21 34.95 -7.48
C LEU A 362 1.15 35.56 -7.80
N SER A 363 2.04 35.62 -6.82
CA SER A 363 3.38 36.15 -7.00
C SER A 363 4.45 35.08 -7.01
N LEU A 364 4.09 33.80 -6.88
CA LEU A 364 5.09 32.75 -6.69
C LEU A 364 5.47 32.05 -7.97
N GLY A 365 4.52 31.85 -8.88
CA GLY A 365 4.84 31.23 -10.15
C GLY A 365 5.73 32.12 -10.97
N ILE A 366 6.74 31.53 -11.61
CA ILE A 366 7.71 32.31 -12.37
C ILE A 366 7.97 31.61 -13.70
N GLY A 367 8.01 32.40 -14.78
CA GLY A 367 8.13 31.82 -16.11
C GLY A 367 7.98 32.88 -17.18
N PHE A 368 7.56 32.44 -18.39
CA PHE A 368 7.50 33.35 -19.52
C PHE A 368 6.10 33.64 -20.05
N GLU A 369 5.05 32.98 -19.54
CA GLU A 369 3.71 33.30 -20.06
C GLU A 369 2.90 34.16 -19.07
N ASN A 372 -2.99 34.12 -18.04
CA ASN A 372 -3.70 35.29 -17.57
C ASN A 372 -4.23 35.00 -16.17
N LYS A 373 -3.49 35.54 -15.12
CA LYS A 373 -3.93 35.45 -13.74
C LYS A 373 -4.52 36.79 -13.32
N PRO A 374 -5.53 36.75 -12.45
CA PRO A 374 -6.21 37.98 -12.04
C PRO A 374 -5.23 39.00 -11.49
N LYS A 375 -5.59 40.28 -11.58
CA LYS A 375 -4.69 41.35 -11.14
C LYS A 375 -4.87 41.70 -9.68
N GLU A 376 -6.03 41.39 -9.09
CA GLU A 376 -6.28 41.68 -7.68
C GLU A 376 -6.50 40.34 -6.99
N LEU A 377 -5.57 39.97 -6.09
CA LEU A 377 -5.71 38.74 -5.33
C LEU A 377 -7.02 38.73 -4.57
N TYR A 378 -7.15 39.69 -3.66
CA TYR A 378 -8.37 39.89 -2.88
C TYR A 378 -9.29 40.74 -3.72
N SER A 379 -10.35 40.15 -4.24
CA SER A 379 -11.24 40.82 -5.16
C SER A 379 -12.45 39.93 -5.39
N GLU A 380 -13.47 40.48 -6.05
CA GLU A 380 -14.71 39.71 -6.26
C GLU A 380 -14.48 38.55 -7.21
N GLU A 381 -13.67 38.77 -8.26
CA GLU A 381 -13.34 37.74 -9.22
C GLU A 381 -12.42 36.68 -8.63
N ALA A 382 -11.63 37.00 -7.61
CA ALA A 382 -10.66 36.03 -7.11
C ALA A 382 -10.96 35.60 -5.68
N VAL A 383 -10.09 35.93 -4.73
CA VAL A 383 -10.34 35.54 -3.34
C VAL A 383 -11.42 36.48 -2.84
N ASN A 384 -12.64 35.97 -2.69
CA ASN A 384 -13.87 36.74 -2.47
C ASN A 384 -14.50 36.41 -1.10
N GLY A 385 -15.75 36.83 -0.90
CA GLY A 385 -16.44 36.53 0.36
C GLY A 385 -16.85 35.08 0.50
N GLU A 386 -17.42 34.51 -0.56
CA GLU A 386 -17.65 33.07 -0.65
C GLU A 386 -16.36 32.35 -0.27
N THR A 387 -15.23 32.81 -0.81
CA THR A 387 -13.94 32.19 -0.48
C THR A 387 -13.69 32.20 1.02
N GLN A 388 -13.94 33.34 1.67
CA GLN A 388 -13.68 33.44 3.10
C GLN A 388 -14.58 32.50 3.88
N GLN A 389 -15.82 32.34 3.45
CA GLN A 389 -16.66 31.40 4.17
C GLN A 389 -16.23 29.96 3.90
N ALA A 390 -15.74 29.69 2.69
CA ALA A 390 -15.24 28.36 2.39
C ALA A 390 -14.05 28.04 3.27
N HIS A 391 -13.17 29.01 3.44
CA HIS A 391 -12.02 28.87 4.32
C HIS A 391 -12.46 28.63 5.75
N LEU A 392 -13.34 29.49 6.26
CA LEU A 392 -13.82 29.30 7.62
C LEU A 392 -14.46 27.93 7.79
N GLN A 393 -15.10 27.43 6.74
CA GLN A 393 -15.64 26.07 6.81
C GLN A 393 -14.50 25.05 6.91
N ALA A 394 -13.40 25.24 6.16
CA ALA A 394 -12.28 24.30 6.19
C ALA A 394 -11.64 24.23 7.58
N ILE A 395 -11.40 25.40 8.18
CA ILE A 395 -10.96 25.43 9.57
C ILE A 395 -11.97 24.73 10.47
N LYS A 396 -13.27 24.92 10.21
CA LYS A 396 -14.29 24.30 11.05
C LYS A 396 -14.18 22.77 11.02
N GLU A 397 -14.04 22.18 9.84
CA GLU A 397 -13.94 20.73 9.75
C GLU A 397 -12.64 20.21 10.37
N LEU A 398 -11.51 20.85 10.06
CA LEU A 398 -10.25 20.33 10.58
C LEU A 398 -10.23 20.36 12.11
N ILE A 399 -10.59 21.49 12.71
CA ILE A 399 -10.62 21.57 14.17
C ILE A 399 -11.67 20.59 14.71
N ALA A 400 -12.80 20.46 14.01
CA ALA A 400 -13.84 19.53 14.48
C ALA A 400 -13.32 18.10 14.53
N ARG A 401 -12.34 17.77 13.67
CA ARG A 401 -11.90 16.39 13.60
C ARG A 401 -10.64 16.13 14.42
N ASP A 402 -9.74 17.09 14.57
CA ASP A 402 -8.50 16.87 15.30
C ASP A 402 -8.44 17.62 16.63
N LYS A 403 -9.60 17.92 17.22
CA LYS A 403 -9.62 18.78 18.40
C LYS A 403 -9.05 18.08 19.64
N ASN A 404 -9.29 16.77 19.80
CA ASN A 404 -8.92 16.10 21.03
C ASN A 404 -7.58 15.39 20.96
N HIS A 405 -6.86 15.54 19.85
CA HIS A 405 -5.57 14.87 19.67
C HIS A 405 -4.49 15.56 20.51
N PRO A 406 -3.80 14.85 21.39
CA PRO A 406 -2.67 15.49 22.10
C PRO A 406 -1.51 15.86 21.17
N SER A 407 -1.33 15.16 20.06
CA SER A 407 -0.21 15.51 19.19
C SER A 407 -0.42 16.86 18.53
N VAL A 408 -1.68 17.24 18.26
CA VAL A 408 -1.92 18.54 17.64
C VAL A 408 -1.64 19.65 18.64
N VAL A 409 -0.67 20.49 18.30
CA VAL A 409 -0.14 21.48 19.21
C VAL A 409 -0.37 22.91 18.73
N MET A 410 -0.91 23.09 17.53
CA MET A 410 -1.05 24.39 16.92
C MET A 410 -1.87 24.24 15.64
N TRP A 411 -2.76 25.19 15.35
CA TRP A 411 -3.45 25.21 14.08
C TRP A 411 -2.74 26.16 13.13
N SER A 412 -2.74 25.86 11.84
CA SER A 412 -2.21 26.78 10.84
C SER A 412 -3.29 27.01 9.77
N ILE A 413 -3.74 28.25 9.67
CA ILE A 413 -4.91 28.56 8.85
C ILE A 413 -4.58 28.37 7.37
N ALA A 414 -3.43 28.88 6.95
CA ALA A 414 -3.07 28.86 5.55
C ALA A 414 -1.56 28.86 5.46
N ASN A 415 -1.06 28.69 4.24
CA ASN A 415 0.37 28.60 4.01
C ASN A 415 0.74 29.56 2.89
N GLU A 416 1.73 30.41 3.14
CA GLU A 416 2.29 31.35 2.18
C GLU A 416 1.25 32.13 1.38
N PRO A 417 0.33 32.85 2.04
CA PRO A 417 -0.50 33.79 1.31
C PRO A 417 0.30 35.06 1.07
N ASP A 418 -0.07 35.78 0.02
CA ASP A 418 0.47 37.11 -0.26
C ASP A 418 -0.27 38.13 0.60
N THR A 419 0.44 38.78 1.52
CA THR A 419 -0.16 39.78 2.37
C THR A 419 0.17 41.20 1.94
N ARG A 420 0.84 41.35 0.80
CA ARG A 420 1.10 42.69 0.30
C ARG A 420 -0.17 43.42 -0.12
N PRO A 421 -1.06 42.85 -0.97
CA PRO A 421 -2.19 43.65 -1.46
C PRO A 421 -3.09 44.04 -0.31
N GLN A 422 -3.75 45.19 -0.44
CA GLN A 422 -4.72 45.58 0.57
C GLN A 422 -5.90 44.62 0.49
N GLY A 423 -6.48 44.32 1.65
CA GLY A 423 -7.53 43.35 1.73
C GLY A 423 -7.07 41.99 2.19
N ALA A 424 -5.76 41.78 2.23
CA ALA A 424 -5.22 40.59 2.86
C ALA A 424 -5.62 40.57 4.33
N ARG A 425 -5.44 41.70 5.03
CA ARG A 425 -5.82 41.70 6.44
C ARG A 425 -7.33 41.72 6.61
N GLU A 426 -8.05 42.36 5.70
CA GLU A 426 -9.50 42.29 5.67
C GLU A 426 -9.98 40.85 5.56
N TYR A 427 -9.27 40.04 4.77
CA TYR A 427 -9.63 38.63 4.61
C TYR A 427 -9.28 37.83 5.86
N PHE A 428 -8.02 37.90 6.30
CA PHE A 428 -7.51 36.94 7.27
C PHE A 428 -7.89 37.26 8.71
N ALA A 429 -8.20 38.53 9.03
CA ALA A 429 -8.49 38.87 10.42
C ALA A 429 -9.70 38.11 10.95
N PRO A 430 -10.89 38.17 10.33
CA PRO A 430 -12.02 37.41 10.88
C PRO A 430 -11.77 35.91 10.88
N LEU A 431 -10.92 35.40 9.98
CA LEU A 431 -10.61 33.97 10.02
C LEU A 431 -9.76 33.63 11.24
N ALA A 432 -8.78 34.48 11.56
CA ALA A 432 -7.99 34.28 12.78
C ALA A 432 -8.87 34.35 14.02
N GLU A 433 -9.75 35.36 14.10
CA GLU A 433 -10.60 35.49 15.28
C GLU A 433 -11.55 34.30 15.42
N ALA A 434 -12.20 33.91 14.30
CA ALA A 434 -13.10 32.75 14.31
C ALA A 434 -12.37 31.49 14.74
N THR A 435 -11.18 31.26 14.19
CA THR A 435 -10.43 30.09 14.61
C THR A 435 -10.17 30.13 16.11
N ARG A 436 -9.85 31.31 16.64
CA ARG A 436 -9.57 31.41 18.06
C ARG A 436 -10.78 31.05 18.89
N LYS A 437 -12.00 31.39 18.42
CA LYS A 437 -13.17 30.96 19.18
C LYS A 437 -13.54 29.50 18.96
N LEU A 438 -13.15 28.92 17.83
CA LEU A 438 -13.48 27.51 17.61
C LEU A 438 -12.63 26.60 18.49
N ASP A 439 -11.42 27.04 18.90
CA ASP A 439 -10.58 26.31 19.85
C ASP A 439 -9.57 27.23 20.50
N PRO A 440 -9.79 27.59 21.77
CA PRO A 440 -8.82 28.41 22.51
C PRO A 440 -7.69 27.62 23.13
N THR A 441 -7.63 26.29 22.94
CA THR A 441 -6.62 25.47 23.62
C THR A 441 -5.25 25.59 22.95
N ARG A 442 -5.20 25.72 21.63
CA ARG A 442 -3.90 25.69 21.00
C ARG A 442 -3.61 27.00 20.25
N PRO A 443 -2.34 27.34 20.05
CA PRO A 443 -2.02 28.57 19.31
C PRO A 443 -2.43 28.49 17.85
N ILE A 444 -2.32 29.65 17.22
CA ILE A 444 -2.79 29.93 15.87
C ILE A 444 -1.60 30.45 15.08
N THR A 445 -1.32 29.87 13.93
CA THR A 445 -0.26 30.38 13.09
C THR A 445 -0.74 30.50 11.65
N CYS A 446 0.02 31.26 10.86
CA CYS A 446 -0.20 31.37 9.43
C CYS A 446 1.17 31.46 8.75
N VAL A 447 1.59 30.38 8.11
CA VAL A 447 2.93 30.23 7.57
C VAL A 447 3.27 31.33 6.58
N ASN A 448 4.43 31.98 6.78
CA ASN A 448 4.75 33.23 6.11
C ASN A 448 5.69 33.02 4.92
N VAL A 449 5.35 33.67 3.78
CA VAL A 449 6.08 33.48 2.52
C VAL A 449 7.30 34.39 2.49
N MET A 450 8.30 33.94 1.73
CA MET A 450 9.62 34.56 1.72
C MET A 450 9.57 36.05 1.40
N PHE A 451 8.67 36.46 0.49
CA PHE A 451 8.72 37.81 -0.06
C PHE A 451 7.83 38.80 0.67
N CYS A 452 6.99 38.33 1.61
CA CYS A 452 6.38 39.21 2.61
C CYS A 452 7.32 39.24 3.80
N ASP A 453 8.41 39.97 3.66
CA ASP A 453 9.48 40.02 4.65
C ASP A 453 8.98 40.74 5.91
N ALA A 454 9.90 41.01 6.83
CA ALA A 454 9.47 41.61 8.10
C ALA A 454 8.97 43.03 7.94
N HIS A 455 9.51 43.80 6.99
CA HIS A 455 9.04 45.16 6.79
C HIS A 455 7.84 45.27 5.88
N THR A 456 7.31 44.15 5.41
CA THR A 456 6.30 44.10 4.36
C THR A 456 5.02 43.38 4.75
N ASP A 457 5.13 42.32 5.55
CA ASP A 457 3.99 41.51 5.89
C ASP A 457 2.96 42.31 6.67
N THR A 458 1.68 42.00 6.44
CA THR A 458 0.49 42.70 6.94
C THR A 458 -0.29 41.96 8.05
N ILE A 459 -0.25 40.64 8.10
CA ILE A 459 -1.20 39.88 8.93
C ILE A 459 -0.57 39.17 10.11
N SER A 460 0.76 39.04 10.19
CA SER A 460 1.41 38.30 11.29
C SER A 460 1.02 38.84 12.68
N ASP A 461 0.61 40.09 12.77
CA ASP A 461 0.09 40.64 14.03
C ASP A 461 -0.99 39.73 14.63
N LEU A 462 -1.77 39.06 13.78
CA LEU A 462 -3.01 38.41 14.19
C LEU A 462 -2.80 37.00 14.75
N PHE A 463 -1.59 36.46 14.73
CA PHE A 463 -1.36 35.06 15.08
C PHE A 463 -0.35 34.94 16.21
N ASP A 464 -0.33 33.77 16.88
CA ASP A 464 0.42 33.54 18.12
C ASP A 464 1.89 33.20 17.89
N VAL A 465 2.17 32.34 16.92
CA VAL A 465 3.53 31.86 16.66
C VAL A 465 3.87 32.13 15.20
N LEU A 466 5.06 32.65 14.97
CA LEU A 466 5.49 33.02 13.62
C LEU A 466 6.16 31.86 12.93
N CYS A 467 5.71 31.54 11.73
CA CYS A 467 6.21 30.39 11.01
C CYS A 467 6.83 30.92 9.73
N LEU A 468 8.11 30.64 9.50
CA LEU A 468 8.82 31.21 8.34
C LEU A 468 9.24 30.15 7.35
N ASN A 469 9.01 30.44 6.09
CA ASN A 469 9.50 29.67 4.97
C ASN A 469 10.56 30.50 4.29
N ARG A 470 11.82 30.17 4.51
CA ARG A 470 12.91 30.99 3.99
C ARG A 470 13.86 30.19 3.10
N TYR A 471 14.30 30.84 2.01
CA TYR A 471 15.11 30.18 0.99
C TYR A 471 16.23 31.08 0.49
N TYR A 472 16.78 31.93 1.37
CA TYR A 472 17.97 32.68 0.99
C TYR A 472 19.05 31.70 0.59
N GLY A 473 19.75 32.00 -0.49
CA GLY A 473 20.72 31.08 -1.02
C GLY A 473 20.21 30.15 -2.08
N TRP A 474 18.89 30.03 -2.24
CA TRP A 474 18.32 29.21 -3.29
C TRP A 474 17.60 30.09 -4.31
N TYR A 475 16.42 30.62 -3.98
CA TYR A 475 15.69 31.40 -4.97
C TYR A 475 16.25 32.81 -5.14
N VAL A 476 16.94 33.34 -4.12
CA VAL A 476 17.62 34.62 -4.16
C VAL A 476 18.98 34.38 -3.51
N GLN A 477 19.96 35.21 -3.86
CA GLN A 477 21.36 34.94 -3.47
C GLN A 477 21.77 33.54 -3.93
N SER A 478 21.12 33.02 -4.98
CA SER A 478 21.40 31.67 -5.51
C SER A 478 22.87 31.32 -5.55
N GLY A 479 23.18 30.26 -4.81
CA GLY A 479 24.49 29.67 -4.69
C GLY A 479 25.46 30.39 -3.77
N ASP A 480 25.07 31.47 -3.07
CA ASP A 480 26.06 32.21 -2.30
C ASP A 480 25.78 32.12 -0.81
N LEU A 481 26.55 31.27 -0.12
CA LEU A 481 26.29 31.01 1.30
C LEU A 481 26.64 32.19 2.18
N GLU A 482 27.55 33.06 1.73
CA GLU A 482 28.00 34.11 2.62
C GLU A 482 27.01 35.27 2.64
N THR A 483 26.29 35.53 1.54
CA THR A 483 25.27 36.57 1.55
C THR A 483 23.98 36.05 2.13
N ALA A 484 23.62 34.80 1.80
CA ALA A 484 22.44 34.21 2.40
C ALA A 484 22.54 34.20 3.92
N GLU A 485 23.70 33.90 4.48
CA GLU A 485 23.75 33.93 5.94
C GLU A 485 23.42 35.31 6.50
N LYS A 486 24.01 36.39 5.95
CA LYS A 486 23.72 37.74 6.47
C LYS A 486 22.25 38.11 6.31
N VAL A 487 21.71 37.96 5.09
CA VAL A 487 20.33 38.31 4.83
C VAL A 487 19.41 37.57 5.80
N LEU A 488 19.64 36.26 5.99
CA LEU A 488 18.81 35.44 6.86
C LEU A 488 18.90 35.91 8.31
N GLU A 489 20.10 36.22 8.76
CA GLU A 489 20.27 36.59 10.16
C GLU A 489 19.63 37.95 10.45
N LYS A 490 19.77 38.92 9.54
CA LYS A 490 19.12 40.17 9.86
C LYS A 490 17.61 40.06 9.71
N GLU A 491 17.13 39.20 8.81
CA GLU A 491 15.67 39.06 8.67
C GLU A 491 15.04 38.37 9.88
N LEU A 492 15.71 37.34 10.41
CA LEU A 492 15.30 36.70 11.67
C LEU A 492 15.29 37.70 12.82
N LEU A 493 16.42 38.38 13.03
CA LEU A 493 16.42 39.40 14.09
C LEU A 493 15.32 40.44 13.86
N ALA A 494 15.10 40.84 12.62
CA ALA A 494 14.03 41.78 12.31
C ALA A 494 12.66 41.25 12.74
N TRP A 495 12.34 40.01 12.39
CA TRP A 495 11.06 39.45 12.81
C TRP A 495 10.95 39.50 14.32
N GLN A 496 12.01 39.09 15.01
CA GLN A 496 11.98 39.11 16.48
C GLN A 496 11.72 40.51 17.03
N GLU A 497 12.47 41.54 16.55
CA GLU A 497 12.21 42.92 17.00
C GLU A 497 10.78 43.32 16.70
N LYS A 498 10.22 42.87 15.57
CA LYS A 498 8.90 43.37 15.20
C LYS A 498 7.78 42.71 16.01
N LEU A 499 7.90 41.42 16.37
CA LEU A 499 6.75 40.73 16.96
C LEU A 499 6.99 40.02 18.29
N HIS A 500 8.24 39.80 18.71
CA HIS A 500 8.57 39.15 19.99
C HIS A 500 7.74 37.89 20.22
N GLN A 501 7.55 37.11 19.15
CA GLN A 501 6.90 35.80 19.16
C GLN A 501 7.93 34.68 19.07
N PRO A 502 7.52 33.45 19.35
CA PRO A 502 8.34 32.31 18.97
C PRO A 502 8.36 32.19 17.45
N ILE A 503 9.52 31.85 16.90
CA ILE A 503 9.71 31.73 15.45
C ILE A 503 10.02 30.26 15.16
N ILE A 504 9.22 29.64 14.30
CA ILE A 504 9.48 28.30 13.81
C ILE A 504 9.80 28.38 12.32
N ILE A 505 10.99 27.96 11.93
CA ILE A 505 11.31 27.91 10.51
C ILE A 505 10.64 26.62 9.99
N THR A 506 9.46 26.76 9.39
CA THR A 506 8.65 25.63 8.95
C THR A 506 8.98 25.09 7.56
N GLU A 507 9.72 25.86 6.73
CA GLU A 507 10.32 25.34 5.50
C GLU A 507 11.71 25.93 5.34
N TYR A 508 12.69 25.08 5.08
CA TYR A 508 13.97 25.58 4.58
C TYR A 508 14.67 24.39 3.93
N GLY A 509 15.03 24.52 2.67
CA GLY A 509 15.56 23.40 1.93
C GLY A 509 15.95 23.86 0.55
N VAL A 510 16.61 22.95 -0.16
CA VAL A 510 17.16 23.18 -1.49
C VAL A 510 16.94 21.91 -2.31
N ASP A 511 16.76 22.09 -3.61
CA ASP A 511 16.60 20.95 -4.52
C ASP A 511 17.91 20.25 -4.64
N THR A 512 17.88 18.93 -4.47
CA THR A 512 19.10 18.14 -4.50
C THR A 512 18.85 16.87 -5.28
N LEU A 513 19.55 16.72 -6.39
CA LEU A 513 19.53 15.50 -7.19
C LEU A 513 20.34 14.43 -6.46
N ALA A 514 19.69 13.35 -6.02
CA ALA A 514 20.49 12.28 -5.44
C ALA A 514 21.48 11.79 -6.49
N GLY A 515 22.75 11.67 -6.10
CA GLY A 515 23.82 11.25 -6.98
C GLY A 515 24.64 12.39 -7.56
N LEU A 516 24.04 13.57 -7.73
CA LEU A 516 24.77 14.71 -8.22
C LEU A 516 25.68 15.17 -7.10
N HIS A 517 26.99 14.94 -7.27
CA HIS A 517 28.00 15.40 -6.34
C HIS A 517 28.89 16.42 -7.02
N SER A 518 29.46 17.32 -6.20
CA SER A 518 30.26 18.41 -6.68
C SER A 518 31.28 18.82 -5.62
N MET A 519 32.53 19.01 -6.08
CA MET A 519 33.60 19.64 -5.30
C MET A 519 33.39 21.16 -5.15
N TYR A 520 32.60 21.77 -6.01
CA TYR A 520 32.45 23.22 -5.97
C TYR A 520 31.27 23.66 -5.10
N THR A 521 30.60 22.73 -4.42
CA THR A 521 29.48 23.06 -3.52
C THR A 521 28.46 23.98 -4.18
N ASP A 522 28.04 23.62 -5.38
CA ASP A 522 27.13 24.44 -6.14
C ASP A 522 25.73 23.88 -5.99
N MET A 523 24.75 24.70 -6.41
CA MET A 523 23.36 24.27 -6.34
C MET A 523 23.16 22.92 -7.01
N TRP A 524 22.19 22.17 -6.47
CA TRP A 524 21.67 20.88 -6.90
C TRP A 524 22.53 19.70 -6.47
N SER A 525 23.68 19.92 -5.90
CA SER A 525 24.49 18.82 -5.41
C SER A 525 24.11 18.48 -3.98
N GLU A 526 24.42 17.25 -3.59
CA GLU A 526 24.23 16.85 -2.20
C GLU A 526 25.14 17.66 -1.27
N GLU A 527 26.37 17.94 -1.71
CA GLU A 527 27.25 18.79 -0.91
C GLU A 527 26.60 20.14 -0.62
N TYR A 528 25.86 20.70 -1.60
CA TYR A 528 25.20 21.99 -1.39
C TYR A 528 24.07 21.85 -0.39
N GLN A 529 23.31 20.77 -0.46
CA GLN A 529 22.26 20.60 0.53
C GLN A 529 22.87 20.64 1.93
N CYS A 530 23.97 19.91 2.13
CA CYS A 530 24.59 19.83 3.45
C CYS A 530 25.11 21.20 3.88
N ALA A 531 25.85 21.86 3.01
CA ALA A 531 26.41 23.15 3.38
C ALA A 531 25.30 24.13 3.69
N TRP A 532 24.24 24.14 2.88
CA TRP A 532 23.18 25.11 3.02
C TRP A 532 22.44 24.89 4.34
N LEU A 533 21.97 23.67 4.57
CA LEU A 533 21.29 23.39 5.82
C LEU A 533 22.21 23.71 6.99
N ASP A 534 23.51 23.49 6.82
CA ASP A 534 24.40 23.69 7.94
C ASP A 534 24.55 25.16 8.31
N MET A 535 24.65 26.03 7.30
CA MET A 535 24.69 27.47 7.56
C MET A 535 23.39 27.95 8.20
N TYR A 536 22.25 27.56 7.63
CA TYR A 536 20.96 27.87 8.25
C TYR A 536 20.95 27.48 9.72
N HIS A 537 21.51 26.31 10.05
CA HIS A 537 21.58 25.85 11.44
C HIS A 537 22.44 26.76 12.32
N ARG A 538 23.55 27.30 11.80
CA ARG A 538 24.32 28.24 12.61
C ARG A 538 23.50 29.49 12.92
N VAL A 539 22.79 30.01 11.92
CA VAL A 539 21.96 31.18 12.16
C VAL A 539 20.84 30.88 13.15
N PHE A 540 20.17 29.74 13.01
CA PHE A 540 19.14 29.43 14.02
C PHE A 540 19.75 29.44 15.39
N ASP A 541 20.86 28.71 15.56
CA ASP A 541 21.51 28.66 16.86
C ASP A 541 21.90 30.03 17.40
N ARG A 542 22.01 31.06 16.56
CA ARG A 542 22.43 32.38 17.05
C ARG A 542 21.28 33.38 17.24
N VAL A 543 20.02 32.95 17.07
CA VAL A 543 18.86 33.82 17.26
C VAL A 543 18.03 33.27 18.42
N SER A 544 17.78 34.13 19.41
CA SER A 544 17.12 33.74 20.64
C SER A 544 15.74 33.13 20.38
N ALA A 545 14.96 33.78 19.53
CA ALA A 545 13.55 33.52 19.42
C ALA A 545 13.21 32.31 18.56
N VAL A 546 14.16 31.75 17.84
CA VAL A 546 13.85 30.61 16.99
C VAL A 546 13.71 29.37 17.87
N VAL A 547 12.50 28.79 17.89
CA VAL A 547 12.23 27.61 18.70
C VAL A 547 11.92 26.40 17.85
N GLY A 548 12.18 26.46 16.55
CA GLY A 548 11.84 25.30 15.77
C GLY A 548 12.43 25.27 14.38
N GLU A 549 12.73 24.07 13.87
CA GLU A 549 13.28 23.89 12.54
C GLU A 549 12.65 22.66 11.88
N GLN A 550 11.99 22.88 10.75
CA GLN A 550 11.41 21.78 9.99
C GLN A 550 11.90 21.97 8.57
N VAL A 551 12.82 21.09 8.14
CA VAL A 551 13.40 21.28 6.83
C VAL A 551 12.32 21.03 5.80
N TRP A 552 12.46 21.69 4.65
CA TRP A 552 11.44 21.54 3.64
C TRP A 552 11.73 20.27 2.91
N ASN A 553 10.81 19.35 3.20
CA ASN A 553 10.49 18.02 2.74
C ASN A 553 11.35 16.88 3.11
N PHE A 554 10.60 15.93 3.65
CA PHE A 554 11.13 14.67 4.06
C PHE A 554 11.46 13.82 2.84
N ALA A 555 10.58 13.79 1.85
CA ALA A 555 10.91 13.05 0.63
C ALA A 555 10.61 13.90 -0.59
N ASP A 556 11.20 13.54 -1.71
CA ASP A 556 10.83 14.22 -2.96
C ASP A 556 9.40 13.83 -3.31
N PHE A 557 8.69 14.78 -3.90
CA PHE A 557 7.27 14.58 -4.20
C PHE A 557 7.00 15.10 -5.61
N ALA A 558 5.83 14.75 -6.13
CA ALA A 558 5.45 15.10 -7.49
C ALA A 558 4.76 16.45 -7.53
N THR A 559 4.93 17.16 -8.64
CA THR A 559 4.35 18.48 -8.83
C THR A 559 3.82 18.60 -10.25
N SER A 560 3.24 19.77 -10.55
CA SER A 560 2.89 20.04 -11.93
C SER A 560 4.17 20.19 -12.76
N GLN A 561 4.02 20.06 -14.07
CA GLN A 561 5.15 20.09 -14.97
C GLN A 561 5.61 21.51 -15.16
N GLY A 562 6.92 21.71 -15.18
CA GLY A 562 7.43 23.05 -15.40
C GLY A 562 8.93 23.05 -15.47
N ILE A 563 9.45 24.15 -16.00
CA ILE A 563 10.90 24.25 -16.14
C ILE A 563 11.61 24.37 -14.80
N LEU A 564 10.90 24.48 -13.69
CA LEU A 564 11.58 24.57 -12.41
C LEU A 564 11.58 23.26 -11.62
N ARG A 565 10.80 22.27 -12.03
CA ARG A 565 10.60 21.03 -11.29
C ARG A 565 11.12 19.91 -12.18
N VAL A 566 12.21 19.27 -11.75
CA VAL A 566 12.84 18.19 -12.53
C VAL A 566 12.17 16.90 -12.05
N GLY A 567 11.13 16.49 -12.74
CA GLY A 567 10.43 15.33 -12.26
C GLY A 567 9.78 15.51 -10.90
N GLY A 568 9.65 16.73 -10.43
CA GLY A 568 9.02 16.97 -9.15
C GLY A 568 9.86 17.89 -8.36
N ASN A 569 9.43 18.16 -7.12
CA ASN A 569 10.27 18.94 -6.23
C ASN A 569 11.31 18.02 -5.61
N LYS A 570 12.58 18.39 -5.77
CA LYS A 570 13.69 17.56 -5.31
C LYS A 570 14.26 18.05 -3.98
N LYS A 571 13.46 18.73 -3.20
CA LYS A 571 13.93 19.28 -1.95
C LYS A 571 13.95 18.28 -0.82
N GLY A 572 13.67 17.03 -1.09
CA GLY A 572 13.58 16.08 -0.01
C GLY A 572 14.93 15.72 0.57
N ILE A 573 14.91 15.35 1.85
CA ILE A 573 16.05 14.69 2.45
C ILE A 573 16.13 13.27 1.92
N PHE A 574 14.99 12.64 1.67
CA PHE A 574 14.90 11.30 1.09
C PHE A 574 14.29 11.38 -0.31
N THR A 575 14.65 10.39 -1.13
CA THR A 575 14.06 10.24 -2.45
C THR A 575 12.62 9.75 -2.31
N ARG A 576 11.85 9.81 -3.40
CA ARG A 576 10.45 9.43 -3.27
C ARG A 576 10.29 7.99 -2.79
N ASP A 577 11.24 7.11 -3.11
CA ASP A 577 11.27 5.73 -2.63
C ASP A 577 12.08 5.58 -1.32
N ARG A 578 12.21 6.67 -0.56
CA ARG A 578 12.72 6.71 0.80
C ARG A 578 14.19 6.33 0.91
N LYS A 579 14.99 6.76 -0.04
CA LYS A 579 16.38 6.52 0.23
C LYS A 579 17.09 7.81 0.63
N PRO A 580 18.06 7.74 1.54
CA PRO A 580 18.60 8.98 2.14
C PRO A 580 19.64 9.64 1.24
N LYS A 581 19.52 10.96 1.09
CA LYS A 581 20.60 11.74 0.49
C LYS A 581 21.65 11.99 1.56
N SER A 582 22.79 12.56 1.16
CA SER A 582 23.86 12.80 2.11
C SER A 582 23.39 13.66 3.27
N ALA A 583 22.59 14.70 2.99
CA ALA A 583 22.13 15.56 4.07
C ALA A 583 21.38 14.79 5.12
N ALA A 584 20.84 13.61 4.79
CA ALA A 584 20.08 12.87 5.79
C ALA A 584 20.94 12.54 6.99
N PHE A 585 22.23 12.35 6.76
CA PHE A 585 23.08 12.05 7.90
C PHE A 585 23.56 13.29 8.60
N LEU A 586 23.56 14.45 7.91
CA LEU A 586 23.81 15.71 8.60
C LEU A 586 22.78 15.91 9.69
N LEU A 587 21.48 15.89 9.30
CA LEU A 587 20.40 16.11 10.27
C LEU A 587 20.41 15.07 11.38
N GLN A 588 20.53 13.80 11.03
CA GLN A 588 20.62 12.77 12.07
C GLN A 588 21.71 13.09 13.09
N LYS A 589 22.80 13.70 12.64
CA LYS A 589 23.85 14.02 13.59
C LYS A 589 23.42 15.17 14.50
N ARG A 590 22.72 16.17 13.95
CA ARG A 590 22.26 17.30 14.77
C ARG A 590 21.14 16.88 15.71
N TRP A 591 20.10 16.30 15.14
CA TRP A 591 18.84 16.10 15.84
C TRP A 591 18.96 15.07 16.97
N THR A 592 19.89 14.12 16.87
CA THR A 592 20.10 13.23 18.00
C THR A 592 21.30 13.65 18.83
N GLY A 593 22.03 14.68 18.40
CA GLY A 593 23.11 15.23 19.22
C GLY A 593 22.61 16.12 20.34
N MET A 594 21.73 17.06 20.03
CA MET A 594 21.06 17.90 21.02
C MET A 594 20.34 17.07 22.05
N ASN A 595 20.00 17.70 23.18
CA ASN A 595 19.14 17.04 24.17
C ASN A 595 17.71 17.13 23.66
N PHE A 596 16.87 16.18 24.08
CA PHE A 596 15.56 16.10 23.46
C PHE A 596 14.75 17.36 23.78
N GLY A 597 14.18 17.97 22.74
CA GLY A 597 13.31 19.11 22.95
C GLY A 597 13.99 20.40 23.38
N GLU A 598 15.31 20.43 23.38
CA GLU A 598 16.04 21.59 23.84
C GLU A 598 16.77 22.26 22.67
N LYS A 599 16.88 23.55 22.74
CA LYS A 599 17.52 24.28 21.66
C LYS A 599 19.04 24.18 21.82
N PRO A 600 19.77 23.92 20.74
CA PRO A 600 21.23 23.85 20.86
C PRO A 600 21.78 25.18 21.34
N GLN A 601 22.63 25.11 22.37
CA GLN A 601 23.15 26.28 23.08
C GLN A 601 24.26 27.03 22.30
N GLN A 602 24.40 26.74 20.98
CA GLN A 602 25.39 27.31 20.02
C GLN A 602 26.69 26.50 20.00
N MET B 1 -10.18 -26.77 -0.19
CA MET B 1 -10.23 -25.37 0.25
C MET B 1 -10.16 -24.39 -0.94
N LEU B 2 -11.11 -23.44 -1.05
CA LEU B 2 -10.94 -22.32 -1.98
C LEU B 2 -11.38 -21.02 -1.33
N ARG B 3 -11.04 -19.93 -2.02
CA ARG B 3 -11.14 -18.56 -1.54
C ARG B 3 -12.53 -18.23 -1.01
N PRO B 4 -12.63 -17.52 0.13
CA PRO B 4 -13.93 -17.00 0.60
C PRO B 4 -14.47 -15.92 -0.32
N VAL B 5 -15.69 -16.11 -0.81
CA VAL B 5 -16.45 -15.09 -1.52
C VAL B 5 -17.74 -14.85 -0.75
N GLU B 6 -18.18 -13.60 -0.69
CA GLU B 6 -19.28 -13.21 0.18
C GLU B 6 -20.62 -13.07 -0.56
N THR B 7 -21.66 -13.64 0.05
CA THR B 7 -23.07 -13.52 -0.34
C THR B 7 -23.83 -13.71 0.99
N PRO B 8 -24.73 -14.75 1.21
CA PRO B 8 -25.06 -15.09 2.63
C PRO B 8 -23.95 -15.83 3.38
N THR B 9 -22.72 -15.62 2.93
CA THR B 9 -21.49 -16.03 3.58
C THR B 9 -20.68 -14.77 3.88
N ARG B 10 -20.17 -14.63 5.12
CA ARG B 10 -19.74 -13.33 5.59
C ARG B 10 -18.28 -13.39 6.09
N GLU B 11 -17.75 -12.21 6.46
CA GLU B 11 -16.34 -12.07 6.83
C GLU B 11 -16.05 -10.66 7.34
N ILE B 12 -15.01 -10.57 8.17
CA ILE B 12 -14.42 -9.30 8.55
C ILE B 12 -12.95 -9.44 8.21
N LYS B 13 -12.56 -8.71 7.16
CA LYS B 13 -11.16 -8.67 6.74
C LYS B 13 -10.34 -8.14 7.90
N LYS B 14 -9.25 -8.85 8.22
CA LYS B 14 -8.41 -8.44 9.33
C LYS B 14 -7.04 -7.94 8.86
N LEU B 15 -6.97 -7.46 7.62
CA LEU B 15 -5.81 -6.69 7.19
C LEU B 15 -5.97 -5.31 7.78
N ASP B 16 -6.18 -5.25 9.11
CA ASP B 16 -6.27 -3.98 9.85
C ASP B 16 -4.94 -3.26 9.89
N GLY B 17 -3.95 -3.80 9.19
CA GLY B 17 -2.68 -3.15 9.04
C GLY B 17 -1.89 -3.27 10.32
N LEU B 18 -2.14 -2.36 11.26
CA LEU B 18 -1.28 -2.22 12.43
C LEU B 18 -1.56 -3.32 13.45
N TRP B 19 -0.62 -4.24 13.59
CA TRP B 19 -0.59 -5.19 14.68
C TRP B 19 0.58 -4.84 15.58
N ALA B 20 0.64 -5.51 16.73
CA ALA B 20 1.80 -5.47 17.61
C ALA B 20 2.79 -6.48 17.07
N PHE B 21 4.04 -6.05 16.92
CA PHE B 21 5.09 -6.88 16.35
C PHE B 21 6.27 -6.89 17.32
N SER B 22 7.00 -8.01 17.36
CA SER B 22 8.18 -8.11 18.20
C SER B 22 9.10 -9.20 17.65
N LEU B 23 10.40 -8.96 17.70
CA LEU B 23 11.32 -10.04 17.39
C LEU B 23 11.52 -10.93 18.62
N ASP B 24 11.95 -12.17 18.36
CA ASP B 24 12.27 -13.10 19.46
C ASP B 24 13.71 -13.57 19.34
N ARG B 25 14.67 -12.69 19.67
CA ARG B 25 16.07 -12.99 19.39
C ARG B 25 16.62 -14.12 20.26
N GLU B 26 16.13 -14.27 21.48
CA GLU B 26 16.68 -15.24 22.41
C GLU B 26 15.74 -16.40 22.66
N ASN B 27 14.87 -16.66 21.67
CA ASN B 27 13.88 -17.73 21.65
C ASN B 27 13.16 -17.94 23.00
N CYS B 28 12.55 -16.87 23.51
CA CYS B 28 11.76 -16.97 24.75
C CYS B 28 10.27 -17.15 24.52
N GLY B 29 9.78 -16.99 23.29
CA GLY B 29 8.34 -16.92 23.11
C GLY B 29 7.58 -18.15 23.52
N ILE B 30 7.92 -19.30 22.95
CA ILE B 30 7.16 -20.51 23.21
C ILE B 30 7.19 -20.86 24.70
N ASP B 31 8.38 -20.82 25.30
CA ASP B 31 8.55 -21.22 26.70
C ASP B 31 7.82 -20.26 27.65
N GLN B 32 7.87 -18.95 27.39
CA GLN B 32 7.10 -18.00 28.18
C GLN B 32 5.69 -17.86 27.64
N ARG B 33 5.30 -18.76 26.73
CA ARG B 33 4.03 -18.74 26.00
C ARG B 33 3.50 -17.34 25.81
N TRP B 34 4.20 -16.56 24.96
CA TRP B 34 3.91 -15.14 24.79
C TRP B 34 2.47 -14.87 24.37
N TRP B 35 1.83 -15.83 23.71
CA TRP B 35 0.46 -15.64 23.28
C TRP B 35 -0.47 -15.39 24.47
N GLU B 36 0.04 -15.60 25.68
CA GLU B 36 -0.73 -15.51 26.91
C GLU B 36 -0.98 -14.08 27.35
N SER B 37 0.01 -13.19 27.18
CA SER B 37 -0.15 -11.81 27.58
C SER B 37 0.24 -10.91 26.42
N ALA B 38 -0.22 -9.65 26.49
CA ALA B 38 0.12 -8.66 25.48
C ALA B 38 1.63 -8.56 25.32
N LEU B 39 2.05 -8.50 24.06
CA LEU B 39 3.47 -8.55 23.75
C LEU B 39 4.24 -7.52 24.56
N GLN B 40 5.33 -7.95 25.15
CA GLN B 40 6.17 -7.01 25.86
C GLN B 40 7.12 -6.32 24.89
N GLU B 41 7.10 -4.99 24.94
CA GLU B 41 8.00 -4.16 24.14
C GLU B 41 7.86 -4.51 22.65
N SER B 42 6.73 -4.06 22.10
CA SER B 42 6.35 -4.29 20.71
C SER B 42 6.40 -2.98 19.91
N ARG B 43 6.27 -3.09 18.60
CA ARG B 43 6.18 -1.93 17.72
C ARG B 43 5.16 -2.24 16.64
N ALA B 44 4.56 -1.18 16.11
CA ALA B 44 3.50 -1.35 15.14
C ALA B 44 4.02 -1.88 13.83
N ILE B 45 3.31 -2.83 13.26
CA ILE B 45 3.67 -3.37 11.95
C ILE B 45 2.44 -3.37 11.05
N ALA B 46 2.68 -3.32 9.74
CA ALA B 46 1.62 -3.44 8.74
C ALA B 46 1.45 -4.92 8.39
N VAL B 47 0.22 -5.38 8.15
CA VAL B 47 0.00 -6.83 8.00
C VAL B 47 -0.27 -7.32 6.58
N PRO B 48 -0.67 -6.51 5.68
CA PRO B 48 -0.31 -6.93 4.32
C PRO B 48 1.08 -6.37 3.95
N GLY B 49 2.13 -7.11 4.33
CA GLY B 49 3.50 -6.69 4.04
C GLY B 49 4.58 -7.52 4.70
N SER B 50 5.79 -7.56 4.11
CA SER B 50 6.95 -8.21 4.73
C SER B 50 7.43 -7.40 5.93
N PHE B 51 7.94 -8.09 6.95
CA PHE B 51 8.47 -7.34 8.08
C PHE B 51 9.87 -6.79 7.84
N ASN B 52 10.53 -7.19 6.76
CA ASN B 52 11.97 -6.96 6.62
C ASN B 52 12.31 -5.48 6.45
N ASP B 53 11.69 -4.79 5.48
CA ASP B 53 12.06 -3.43 5.10
C ASP B 53 11.13 -2.35 5.62
N GLN B 54 10.18 -2.69 6.49
CA GLN B 54 9.23 -1.70 6.96
C GLN B 54 9.81 -0.77 8.01
N PHE B 55 10.95 -1.14 8.62
CA PHE B 55 11.49 -0.36 9.72
C PHE B 55 12.86 0.24 9.40
N ALA B 56 13.32 0.12 8.15
CA ALA B 56 14.58 0.72 7.69
C ALA B 56 15.72 0.34 8.62
N ASP B 57 15.79 -0.93 8.99
CA ASP B 57 16.70 -1.39 10.02
C ASP B 57 17.38 -2.65 9.53
N ALA B 58 18.71 -2.64 9.47
CA ALA B 58 19.39 -3.81 8.91
C ALA B 58 19.26 -5.03 9.81
N ASP B 59 19.04 -4.84 11.10
CA ASP B 59 18.99 -5.96 12.04
C ASP B 59 17.64 -6.63 12.12
N ILE B 60 16.58 -5.94 11.72
CA ILE B 60 15.34 -6.64 11.47
C ILE B 60 15.37 -7.26 10.09
N ARG B 61 15.98 -6.56 9.12
CA ARG B 61 15.98 -7.05 7.74
C ARG B 61 16.65 -8.42 7.63
N ASN B 62 17.89 -8.54 8.10
CA ASN B 62 18.60 -9.82 7.99
C ASN B 62 18.34 -10.79 9.17
N TYR B 63 17.26 -10.58 9.93
CA TYR B 63 16.99 -11.39 11.10
C TYR B 63 16.58 -12.80 10.72
N ALA B 64 17.07 -13.79 11.49
CA ALA B 64 16.66 -15.18 11.30
C ALA B 64 16.12 -15.72 12.63
N GLY B 65 14.98 -16.39 12.58
CA GLY B 65 14.45 -16.93 13.80
C GLY B 65 12.95 -16.78 13.89
N ASN B 66 12.44 -16.50 15.09
CA ASN B 66 11.01 -16.39 15.34
C ASN B 66 10.63 -14.93 15.55
N VAL B 67 9.50 -14.54 14.95
CA VAL B 67 8.92 -13.21 15.15
C VAL B 67 7.47 -13.39 15.56
N TRP B 68 6.92 -12.35 16.20
CA TRP B 68 5.64 -12.43 16.88
C TRP B 68 4.74 -11.28 16.46
N TYR B 69 3.54 -11.61 16.00
CA TYR B 69 2.47 -10.68 15.72
C TYR B 69 1.36 -10.86 16.74
N GLN B 70 0.58 -9.81 16.98
CA GLN B 70 -0.50 -9.85 17.95
C GLN B 70 -1.51 -8.78 17.57
N ARG B 71 -2.79 -9.06 17.82
CA ARG B 71 -3.83 -8.13 17.42
C ARG B 71 -5.14 -8.58 18.04
N GLU B 72 -5.83 -7.69 18.73
CA GLU B 72 -7.11 -8.05 19.33
C GLU B 72 -8.24 -7.71 18.37
N VAL B 73 -9.34 -8.46 18.42
CA VAL B 73 -10.44 -8.29 17.48
C VAL B 73 -11.77 -8.53 18.20
N PHE B 74 -12.77 -7.70 17.91
CA PHE B 74 -14.14 -7.96 18.35
C PHE B 74 -14.86 -8.79 17.29
N ILE B 75 -15.47 -9.90 17.69
CA ILE B 75 -16.20 -10.72 16.71
C ILE B 75 -17.59 -10.12 16.49
N PRO B 76 -18.01 -9.94 15.24
CA PRO B 76 -19.30 -9.29 14.97
C PRO B 76 -20.45 -9.97 15.69
N LYS B 77 -21.52 -9.20 15.97
CA LYS B 77 -22.57 -9.69 16.86
C LYS B 77 -23.53 -10.67 16.16
N GLY B 78 -23.80 -10.46 14.88
CA GLY B 78 -24.69 -11.33 14.12
C GLY B 78 -24.14 -12.70 13.77
N TRP B 79 -23.06 -13.12 14.43
CA TRP B 79 -22.41 -14.41 14.18
C TRP B 79 -22.61 -15.40 15.31
N ALA B 80 -23.38 -15.05 16.34
CA ALA B 80 -23.50 -15.95 17.49
C ALA B 80 -24.01 -17.32 17.07
N GLY B 81 -24.82 -17.39 16.02
CA GLY B 81 -25.37 -18.64 15.54
C GLY B 81 -24.63 -19.18 14.33
N GLN B 82 -23.30 -19.04 14.36
CA GLN B 82 -22.49 -19.39 13.20
C GLN B 82 -21.19 -20.07 13.64
N ARG B 83 -20.53 -20.68 12.65
CA ARG B 83 -19.17 -21.16 12.78
C ARG B 83 -18.21 -20.06 12.39
N ILE B 84 -17.33 -19.75 13.32
CA ILE B 84 -16.34 -18.70 13.18
C ILE B 84 -15.05 -19.41 12.91
N VAL B 85 -14.45 -19.09 11.79
CA VAL B 85 -13.26 -19.78 11.36
C VAL B 85 -12.24 -18.70 10.94
N LEU B 86 -10.94 -18.93 11.16
CA LEU B 86 -9.87 -17.93 10.96
C LEU B 86 -8.90 -18.32 9.85
N ARG B 87 -8.82 -17.52 8.78
CA ARG B 87 -8.04 -17.84 7.58
C ARG B 87 -6.94 -16.82 7.34
N PHE B 88 -5.70 -17.31 7.20
CA PHE B 88 -4.57 -16.52 6.72
C PHE B 88 -4.28 -16.91 5.27
N ASP B 89 -4.24 -15.94 4.38
CA ASP B 89 -4.09 -16.26 2.97
C ASP B 89 -2.64 -16.54 2.59
N ALA B 90 -1.67 -16.05 3.36
CA ALA B 90 -0.28 -16.42 3.13
C ALA B 90 0.56 -15.98 4.31
N VAL B 91 1.19 -16.94 4.99
CA VAL B 91 2.25 -16.65 5.95
C VAL B 91 3.55 -17.21 5.40
N THR B 92 4.49 -16.33 5.10
CA THR B 92 5.63 -16.74 4.32
C THR B 92 6.59 -17.54 5.19
N HIS B 93 6.74 -18.81 4.81
CA HIS B 93 7.48 -19.94 5.37
C HIS B 93 6.65 -20.58 6.46
N TYR B 94 6.71 -20.14 7.70
CA TYR B 94 5.99 -20.92 8.70
C TYR B 94 5.20 -20.07 9.66
N GLY B 95 4.02 -20.55 10.03
CA GLY B 95 3.19 -19.81 10.96
C GLY B 95 2.46 -20.73 11.92
N LYS B 96 2.32 -20.30 13.16
CA LYS B 96 1.51 -21.00 14.14
C LYS B 96 0.75 -19.94 14.92
N VAL B 97 -0.53 -20.17 15.21
CA VAL B 97 -1.33 -19.06 15.72
C VAL B 97 -2.24 -19.53 16.86
N TRP B 98 -2.33 -18.67 17.91
CA TRP B 98 -3.06 -18.92 19.15
C TRP B 98 -4.20 -17.90 19.27
N VAL B 99 -5.44 -18.39 19.40
CA VAL B 99 -6.61 -17.54 19.65
C VAL B 99 -6.89 -17.50 21.15
N ASN B 100 -6.31 -16.52 21.84
CA ASN B 100 -6.53 -16.35 23.27
C ASN B 100 -6.16 -17.58 24.09
N ASN B 101 -4.86 -17.81 24.27
CA ASN B 101 -4.24 -18.84 25.12
C ASN B 101 -4.44 -20.27 24.61
N GLN B 102 -5.34 -20.47 23.64
CA GLN B 102 -5.56 -21.79 23.03
C GLN B 102 -4.96 -21.83 21.63
N GLU B 103 -4.12 -22.83 21.37
CA GLU B 103 -3.50 -22.91 20.06
C GLU B 103 -4.48 -23.49 19.08
N VAL B 104 -4.49 -22.92 17.88
CA VAL B 104 -5.53 -23.18 16.91
C VAL B 104 -4.94 -23.65 15.59
N MET B 105 -3.77 -23.13 15.21
CA MET B 105 -3.30 -23.46 13.87
C MET B 105 -1.78 -23.57 13.81
N GLU B 106 -1.33 -24.25 12.76
CA GLU B 106 0.09 -24.36 12.44
C GLU B 106 0.15 -24.75 10.98
N HIS B 107 1.15 -24.24 10.26
CA HIS B 107 1.28 -24.43 8.82
C HIS B 107 2.71 -24.11 8.35
N GLN B 108 3.25 -25.00 7.51
CA GLN B 108 4.56 -24.86 6.87
C GLN B 108 4.31 -24.69 5.38
N GLY B 109 4.42 -23.45 4.92
CA GLY B 109 4.20 -23.12 3.53
C GLY B 109 3.92 -21.64 3.40
N GLY B 110 4.74 -21.00 2.58
CA GLY B 110 4.82 -19.56 2.54
C GLY B 110 3.92 -18.85 1.58
N TYR B 111 3.21 -19.56 0.70
CA TYR B 111 2.44 -18.87 -0.32
C TYR B 111 1.07 -19.50 -0.52
N THR B 112 0.58 -20.25 0.47
CA THR B 112 -0.71 -20.91 0.38
C THR B 112 -1.51 -20.67 1.65
N PRO B 113 -2.83 -20.50 1.54
CA PRO B 113 -3.63 -20.20 2.73
C PRO B 113 -3.76 -21.42 3.60
N PHE B 114 -4.18 -21.15 4.83
CA PHE B 114 -4.47 -22.20 5.77
C PHE B 114 -5.48 -21.61 6.74
N GLU B 115 -6.49 -22.42 7.06
CA GLU B 115 -7.62 -21.94 7.81
C GLU B 115 -7.96 -22.96 8.89
N ALA B 116 -8.84 -22.57 9.83
CA ALA B 116 -9.28 -23.49 10.89
C ALA B 116 -10.49 -22.93 11.65
N ASP B 117 -11.47 -23.81 11.95
CA ASP B 117 -12.66 -23.41 12.70
C ASP B 117 -12.32 -23.13 14.15
N VAL B 118 -12.66 -21.92 14.59
CA VAL B 118 -12.41 -21.52 15.96
C VAL B 118 -13.72 -21.07 16.63
N THR B 119 -14.84 -21.57 16.10
CA THR B 119 -16.13 -21.30 16.71
C THR B 119 -16.21 -21.73 18.19
N PRO B 120 -15.56 -22.81 18.64
CA PRO B 120 -15.65 -23.14 20.07
C PRO B 120 -14.68 -22.35 20.94
N TYR B 121 -13.87 -21.46 20.36
CA TYR B 121 -12.94 -20.64 21.12
C TYR B 121 -13.31 -19.16 21.03
N VAL B 122 -14.44 -18.84 20.42
CA VAL B 122 -14.91 -17.47 20.28
C VAL B 122 -16.37 -17.41 20.67
N ILE B 123 -16.81 -16.24 21.13
CA ILE B 123 -18.23 -15.94 21.16
C ILE B 123 -18.44 -14.52 20.62
N ALA B 124 -19.41 -14.39 19.72
CA ALA B 124 -19.66 -13.14 19.01
C ALA B 124 -19.92 -12.00 19.98
N GLY B 125 -19.34 -10.84 19.70
CA GLY B 125 -19.61 -9.65 20.46
C GLY B 125 -18.42 -9.14 21.27
N LYS B 126 -17.46 -10.01 21.58
CA LYS B 126 -16.31 -9.68 22.44
C LYS B 126 -14.98 -9.75 21.69
N SER B 127 -13.94 -9.34 22.39
CA SER B 127 -12.61 -9.15 21.83
C SER B 127 -11.65 -10.23 22.30
N VAL B 128 -10.98 -10.84 21.34
CA VAL B 128 -10.07 -11.97 21.48
C VAL B 128 -8.68 -11.49 21.10
N ARG B 129 -7.65 -12.12 21.67
CA ARG B 129 -6.26 -11.83 21.37
C ARG B 129 -5.77 -12.82 20.32
N ILE B 130 -5.33 -12.34 19.17
CA ILE B 130 -4.72 -13.19 18.15
C ILE B 130 -3.22 -13.02 18.25
N THR B 131 -2.49 -14.13 18.39
CA THR B 131 -1.02 -14.08 18.40
C THR B 131 -0.49 -15.05 17.36
N VAL B 132 0.43 -14.59 16.52
CA VAL B 132 1.02 -15.38 15.44
C VAL B 132 2.52 -15.46 15.69
N CYS B 133 3.08 -16.68 15.52
CA CYS B 133 4.52 -16.92 15.53
C CYS B 133 4.94 -17.30 14.12
N VAL B 134 5.79 -16.46 13.52
CA VAL B 134 6.20 -16.61 12.13
C VAL B 134 7.69 -16.94 12.12
N ASN B 135 8.03 -17.98 11.35
CA ASN B 135 9.39 -18.46 11.18
C ASN B 135 9.79 -18.34 9.71
N ASN B 136 11.04 -17.89 9.50
CA ASN B 136 11.60 -17.60 8.18
C ASN B 136 12.86 -18.43 7.90
N GLU B 137 12.97 -19.60 8.49
CA GLU B 137 14.14 -20.45 8.34
C GLU B 137 13.91 -21.49 7.23
N LEU B 138 14.99 -21.82 6.51
CA LEU B 138 14.96 -22.85 5.47
C LEU B 138 15.97 -23.95 5.77
N ASN B 139 15.52 -25.19 5.76
CA ASN B 139 16.38 -26.36 5.78
C ASN B 139 16.15 -27.13 4.48
N TRP B 140 16.72 -28.32 4.40
CA TRP B 140 16.61 -29.09 3.17
C TRP B 140 15.24 -29.74 3.00
N GLN B 141 14.39 -29.75 4.02
CA GLN B 141 13.02 -30.23 3.91
C GLN B 141 12.00 -29.10 3.84
N THR B 142 12.44 -27.89 3.47
CA THR B 142 11.54 -26.77 3.23
C THR B 142 11.41 -26.48 1.74
N ILE B 143 10.32 -25.84 1.40
CA ILE B 143 10.05 -25.41 0.03
C ILE B 143 9.97 -23.88 0.01
N PRO B 144 11.03 -23.19 -0.43
CA PRO B 144 12.28 -23.71 -0.99
C PRO B 144 13.30 -24.14 0.08
N PRO B 145 14.32 -24.91 -0.32
CA PRO B 145 15.34 -25.37 0.63
C PRO B 145 16.38 -24.30 0.98
N GLY B 146 17.16 -24.63 2.01
CA GLY B 146 18.23 -23.77 2.48
C GLY B 146 18.99 -24.48 3.58
N MET B 147 20.00 -23.78 4.12
CA MET B 147 20.80 -24.24 5.25
C MET B 147 21.01 -23.10 6.23
N VAL B 148 20.44 -23.24 7.42
CA VAL B 148 20.80 -22.30 8.48
C VAL B 148 22.20 -22.65 8.98
N ILE B 149 22.96 -21.61 9.34
CA ILE B 149 24.30 -21.80 9.87
C ILE B 149 24.43 -21.03 11.16
N THR B 150 24.85 -21.69 12.23
CA THR B 150 25.04 -21.07 13.52
C THR B 150 26.54 -20.90 13.73
N ASP B 151 26.98 -19.65 13.90
CA ASP B 151 28.41 -19.34 13.96
C ASP B 151 29.00 -19.70 15.32
N GLU B 152 30.22 -19.19 15.57
CA GLU B 152 30.92 -19.43 16.83
C GLU B 152 30.13 -18.89 18.02
N ASN B 153 29.42 -17.76 17.84
CA ASN B 153 28.74 -17.03 18.90
C ASN B 153 27.29 -17.48 19.12
N GLY B 154 26.79 -18.46 18.37
CA GLY B 154 25.40 -18.84 18.50
C GLY B 154 24.45 -18.03 17.64
N LYS B 155 24.97 -17.08 16.86
CA LYS B 155 24.14 -16.29 15.94
C LYS B 155 23.75 -17.13 14.73
N LYS B 156 22.44 -17.17 14.42
CA LYS B 156 21.97 -17.81 13.20
C LYS B 156 22.16 -16.88 12.00
N LYS B 157 22.57 -17.45 10.85
CA LYS B 157 22.50 -16.77 9.57
C LYS B 157 22.02 -17.75 8.52
N GLN B 158 21.02 -17.35 7.73
CA GLN B 158 20.36 -18.24 6.78
C GLN B 158 21.03 -18.18 5.42
N SER B 159 21.37 -19.35 4.90
CA SER B 159 21.88 -19.48 3.55
C SER B 159 20.84 -20.18 2.69
N TYR B 160 20.66 -19.72 1.45
CA TYR B 160 19.71 -20.36 0.52
C TYR B 160 20.34 -20.35 -0.87
N PHE B 161 19.59 -20.83 -1.87
CA PHE B 161 20.18 -21.00 -3.18
C PHE B 161 19.34 -20.39 -4.31
N HIS B 162 18.40 -19.51 -4.01
CA HIS B 162 17.66 -18.82 -5.05
C HIS B 162 18.02 -17.35 -5.12
N ASP B 163 17.72 -16.73 -6.26
CA ASP B 163 18.14 -15.34 -6.49
C ASP B 163 17.41 -14.40 -5.54
N PHE B 164 16.08 -14.35 -5.59
CA PHE B 164 15.35 -13.34 -4.83
C PHE B 164 15.61 -13.39 -3.32
N PHE B 165 15.42 -12.24 -2.67
CA PHE B 165 15.69 -12.07 -1.24
C PHE B 165 14.64 -12.79 -0.40
N ASN B 166 15.07 -13.33 0.74
CA ASN B 166 14.24 -14.21 1.57
C ASN B 166 13.29 -13.41 2.47
N TYR B 167 12.42 -12.65 1.82
CA TYR B 167 11.43 -11.87 2.54
C TYR B 167 10.45 -12.80 3.26
N ALA B 168 9.98 -12.34 4.42
CA ALA B 168 9.10 -13.13 5.27
C ALA B 168 8.15 -12.21 6.00
N GLY B 169 7.23 -12.81 6.77
CA GLY B 169 6.17 -12.11 7.49
C GLY B 169 4.81 -12.54 6.99
N ILE B 170 3.79 -11.79 7.39
CA ILE B 170 2.43 -12.00 6.90
C ILE B 170 2.27 -11.21 5.62
N HIS B 171 2.34 -11.88 4.47
CA HIS B 171 2.42 -11.13 3.23
C HIS B 171 1.06 -10.88 2.61
N ARG B 172 0.03 -11.61 3.03
CA ARG B 172 -1.25 -11.49 2.34
C ARG B 172 -2.35 -11.42 3.39
N SER B 173 -3.57 -11.64 2.91
CA SER B 173 -4.76 -11.31 3.68
C SER B 173 -4.93 -12.19 4.91
N VAL B 174 -5.30 -11.56 6.00
CA VAL B 174 -5.87 -12.24 7.16
C VAL B 174 -7.37 -12.05 7.08
N MET B 175 -8.11 -12.98 7.67
CA MET B 175 -9.51 -13.07 7.30
C MET B 175 -10.27 -13.81 8.39
N LEU B 176 -11.31 -13.19 8.97
CA LEU B 176 -12.29 -13.95 9.75
C LEU B 176 -13.47 -14.24 8.85
N TYR B 177 -13.87 -15.51 8.81
CA TYR B 177 -14.89 -15.91 7.84
C TYR B 177 -15.93 -16.81 8.49
N THR B 178 -17.16 -16.59 8.07
CA THR B 178 -18.32 -17.33 8.53
C THR B 178 -19.10 -17.80 7.34
N THR B 179 -19.54 -19.02 7.43
CA THR B 179 -20.39 -19.62 6.45
C THR B 179 -21.47 -20.46 7.15
N PRO B 180 -22.67 -20.59 6.57
CA PRO B 180 -23.72 -21.37 7.26
C PRO B 180 -23.30 -22.79 7.60
N ASN B 181 -23.91 -23.30 8.66
CA ASN B 181 -23.44 -24.46 9.39
C ASN B 181 -23.58 -25.72 8.63
N THR B 182 -23.84 -25.79 7.33
CA THR B 182 -23.77 -27.08 6.66
C THR B 182 -22.62 -27.19 5.69
N TRP B 183 -22.37 -26.20 4.84
CA TRP B 183 -21.33 -26.33 3.82
C TRP B 183 -19.98 -25.98 4.40
N VAL B 184 -19.03 -26.91 4.34
CA VAL B 184 -17.66 -26.51 4.68
C VAL B 184 -16.78 -26.42 3.44
N ASP B 185 -16.31 -27.56 2.97
CA ASP B 185 -15.19 -27.67 2.05
C ASP B 185 -15.46 -27.45 0.56
N ASP B 186 -14.47 -27.90 -0.22
CA ASP B 186 -14.15 -27.80 -1.64
C ASP B 186 -15.25 -28.02 -2.68
N ILE B 187 -15.01 -27.49 -3.88
CA ILE B 187 -15.78 -27.74 -5.10
C ILE B 187 -14.77 -27.87 -6.24
N THR B 188 -15.05 -28.73 -7.21
CA THR B 188 -14.19 -28.79 -8.40
C THR B 188 -15.01 -28.89 -9.69
N VAL B 189 -14.54 -28.18 -10.72
CA VAL B 189 -15.18 -28.08 -12.04
C VAL B 189 -14.15 -28.39 -13.13
N VAL B 190 -14.57 -29.05 -14.22
CA VAL B 190 -13.67 -29.30 -15.34
C VAL B 190 -14.42 -28.98 -16.64
N THR B 191 -13.70 -28.42 -17.62
CA THR B 191 -14.38 -27.88 -18.78
C THR B 191 -13.83 -28.58 -20.03
N HIS B 192 -14.66 -28.81 -21.07
CA HIS B 192 -14.17 -29.36 -22.34
C HIS B 192 -14.68 -28.55 -23.53
N VAL B 193 -14.02 -28.71 -24.68
CA VAL B 193 -14.38 -28.03 -25.93
C VAL B 193 -14.43 -29.05 -27.05
N ALA B 194 -15.28 -28.80 -28.07
CA ALA B 194 -15.45 -29.75 -29.17
C ALA B 194 -15.13 -29.13 -30.52
N GLN B 195 -13.89 -28.69 -30.70
CA GLN B 195 -13.39 -28.15 -31.97
C GLN B 195 -14.26 -27.01 -32.50
N ALA B 200 -17.95 -28.40 -25.59
CA ALA B 200 -18.72 -27.48 -24.76
C ALA B 200 -19.38 -28.24 -23.61
N SER B 201 -18.58 -28.87 -22.75
CA SER B 201 -19.11 -29.67 -21.64
C SER B 201 -18.41 -29.33 -20.33
N VAL B 202 -19.04 -29.74 -19.21
CA VAL B 202 -18.55 -29.44 -17.86
C VAL B 202 -18.74 -30.65 -16.92
N ASP B 203 -18.23 -30.49 -15.70
CA ASP B 203 -18.42 -31.38 -14.53
C ASP B 203 -18.25 -30.66 -13.21
N TRP B 204 -18.87 -31.26 -12.20
CA TRP B 204 -19.11 -30.71 -10.87
C TRP B 204 -18.70 -31.73 -9.83
N GLN B 205 -18.23 -31.26 -8.67
CA GLN B 205 -18.13 -32.12 -7.49
C GLN B 205 -18.15 -31.18 -6.29
N VAL B 206 -19.10 -31.37 -5.39
CA VAL B 206 -19.25 -30.60 -4.16
C VAL B 206 -19.04 -31.51 -2.96
N VAL B 207 -18.45 -30.96 -1.90
CA VAL B 207 -18.28 -31.66 -0.62
C VAL B 207 -18.85 -30.79 0.49
N ALA B 208 -20.01 -31.16 1.05
CA ALA B 208 -20.71 -30.31 2.01
C ALA B 208 -21.62 -31.17 2.90
N ASN B 209 -22.51 -30.53 3.67
CA ASN B 209 -23.28 -31.41 4.57
C ASN B 209 -24.73 -31.47 4.12
N GLY B 210 -24.94 -31.94 2.91
CA GLY B 210 -26.30 -32.19 2.47
C GLY B 210 -26.47 -31.91 1.01
N ASP B 211 -27.71 -32.13 0.54
CA ASP B 211 -28.04 -32.05 -0.88
C ASP B 211 -27.48 -30.80 -1.50
N VAL B 212 -27.10 -30.92 -2.77
CA VAL B 212 -26.47 -29.83 -3.51
C VAL B 212 -27.22 -29.63 -4.82
N SER B 213 -27.53 -28.38 -5.13
CA SER B 213 -28.00 -28.01 -6.46
C SER B 213 -27.00 -27.03 -7.06
N VAL B 214 -26.85 -27.08 -8.38
CA VAL B 214 -25.93 -26.20 -9.09
C VAL B 214 -26.62 -25.61 -10.31
N GLU B 215 -26.42 -24.31 -10.55
CA GLU B 215 -26.98 -23.69 -11.74
C GLU B 215 -25.97 -22.77 -12.40
N LEU B 216 -25.64 -23.07 -13.65
CA LEU B 216 -24.79 -22.20 -14.46
C LEU B 216 -25.58 -21.03 -15.05
N ARG B 217 -25.17 -19.84 -14.64
CA ARG B 217 -25.65 -18.56 -15.12
C ARG B 217 -24.48 -17.92 -15.88
N ASP B 218 -24.79 -17.00 -16.77
CA ASP B 218 -23.80 -16.43 -17.67
C ASP B 218 -23.49 -15.03 -17.14
N ALA B 219 -22.76 -14.23 -17.91
CA ALA B 219 -22.43 -12.88 -17.45
C ALA B 219 -23.65 -11.98 -17.20
N ASP B 220 -24.77 -12.17 -17.91
CA ASP B 220 -26.01 -11.49 -17.55
C ASP B 220 -26.68 -12.15 -16.35
N GLN B 221 -26.04 -13.20 -15.85
CA GLN B 221 -26.52 -14.12 -14.82
C GLN B 221 -28.02 -14.39 -14.91
N GLN B 222 -28.45 -14.83 -16.10
CA GLN B 222 -29.69 -15.58 -16.27
C GLN B 222 -29.31 -17.06 -16.41
N VAL B 223 -30.07 -17.94 -15.75
CA VAL B 223 -29.68 -19.34 -15.73
C VAL B 223 -29.60 -19.90 -17.15
N VAL B 224 -28.44 -20.49 -17.50
CA VAL B 224 -28.27 -21.05 -18.85
C VAL B 224 -28.37 -22.57 -18.80
N ALA B 225 -28.11 -23.19 -17.64
CA ALA B 225 -28.53 -24.60 -17.45
C ALA B 225 -28.31 -25.03 -16.02
N THR B 226 -29.09 -26.01 -15.55
CA THR B 226 -29.04 -26.38 -14.15
C THR B 226 -29.10 -27.88 -13.98
N GLY B 227 -28.31 -28.37 -13.02
CA GLY B 227 -28.37 -29.74 -12.58
C GLY B 227 -28.30 -29.73 -11.07
N GLN B 228 -28.46 -30.90 -10.46
CA GLN B 228 -28.25 -30.94 -9.01
C GLN B 228 -27.91 -32.37 -8.60
N GLY B 229 -26.81 -32.49 -7.88
CA GLY B 229 -26.15 -33.75 -7.60
C GLY B 229 -24.67 -33.44 -7.71
N THR B 230 -23.86 -34.25 -7.04
CA THR B 230 -22.44 -33.92 -6.99
C THR B 230 -21.76 -34.02 -8.35
N SER B 231 -22.32 -34.73 -9.34
CA SER B 231 -21.65 -34.79 -10.65
C SER B 231 -22.66 -34.86 -11.80
N GLY B 232 -22.13 -35.03 -13.02
CA GLY B 232 -22.84 -34.90 -14.28
C GLY B 232 -22.21 -33.85 -15.20
N THR B 233 -22.94 -33.54 -16.30
CA THR B 233 -22.41 -32.62 -17.34
C THR B 233 -23.44 -31.70 -17.98
N LEU B 234 -23.25 -30.36 -17.86
CA LEU B 234 -24.00 -29.41 -18.70
C LEU B 234 -23.32 -29.22 -20.06
N GLN B 235 -24.07 -28.63 -20.99
CA GLN B 235 -23.51 -28.18 -22.26
C GLN B 235 -24.06 -26.80 -22.63
N VAL B 236 -23.26 -26.08 -23.42
CA VAL B 236 -23.59 -24.73 -23.91
C VAL B 236 -23.50 -24.70 -25.43
N VAL B 237 -24.16 -23.69 -26.01
CA VAL B 237 -24.20 -23.51 -27.45
C VAL B 237 -23.86 -22.06 -27.82
N GLY B 245 -8.93 -9.99 -26.65
CA GLY B 245 -7.86 -10.55 -25.86
C GLY B 245 -8.28 -11.22 -24.59
N GLU B 246 -9.41 -10.77 -24.02
CA GLU B 246 -9.76 -11.24 -22.66
C GLU B 246 -11.07 -12.03 -22.74
N GLY B 247 -11.29 -12.84 -21.71
CA GLY B 247 -12.00 -14.10 -21.82
C GLY B 247 -13.36 -14.03 -21.17
N TYR B 248 -14.31 -14.78 -21.73
CA TYR B 248 -15.65 -14.85 -21.19
C TYR B 248 -15.64 -15.78 -20.00
N LEU B 249 -16.20 -15.30 -18.89
CA LEU B 249 -16.30 -16.07 -17.66
C LEU B 249 -17.76 -16.23 -17.31
N TYR B 250 -18.30 -17.44 -17.49
CA TYR B 250 -19.59 -17.78 -16.93
C TYR B 250 -19.48 -17.85 -15.42
N GLU B 251 -20.61 -17.99 -14.77
CA GLU B 251 -20.64 -18.15 -13.33
C GLU B 251 -21.59 -19.29 -13.01
N LEU B 252 -21.08 -20.46 -12.56
CA LEU B 252 -22.08 -21.47 -12.14
C LEU B 252 -22.14 -21.37 -10.61
N CYS B 253 -23.35 -21.05 -10.16
CA CYS B 253 -23.71 -20.81 -8.78
C CYS B 253 -24.14 -22.14 -8.15
N VAL B 254 -23.30 -22.70 -7.26
CA VAL B 254 -23.65 -23.94 -6.55
C VAL B 254 -24.26 -23.61 -5.19
N THR B 255 -25.38 -24.24 -4.90
CA THR B 255 -26.19 -24.11 -3.70
C THR B 255 -26.13 -25.43 -2.95
N ALA B 256 -26.26 -25.34 -1.63
CA ALA B 256 -26.27 -26.51 -0.76
C ALA B 256 -27.59 -26.44 -0.01
N LYS B 257 -28.52 -27.28 -0.43
CA LYS B 257 -29.79 -27.44 0.25
C LYS B 257 -29.56 -28.47 1.36
N SER B 258 -29.64 -28.07 2.63
CA SER B 258 -29.74 -29.06 3.71
C SER B 258 -29.98 -28.47 5.09
N GLN B 259 -29.89 -29.35 6.10
CA GLN B 259 -30.43 -29.16 7.44
C GLN B 259 -31.66 -28.27 7.38
N THR B 260 -31.54 -27.11 7.98
CA THR B 260 -32.55 -26.08 7.89
C THR B 260 -32.04 -24.87 7.13
N GLU B 261 -30.73 -24.65 7.14
CA GLU B 261 -30.10 -23.51 6.51
C GLU B 261 -29.53 -23.91 5.16
N CYS B 262 -29.69 -23.01 4.19
CA CYS B 262 -29.16 -23.14 2.84
C CYS B 262 -27.83 -22.41 2.74
N ASP B 263 -26.99 -22.85 1.79
CA ASP B 263 -25.74 -22.14 1.59
C ASP B 263 -25.43 -21.96 0.12
N ILE B 264 -25.05 -20.76 -0.27
CA ILE B 264 -24.82 -20.46 -1.67
C ILE B 264 -23.38 -20.03 -1.84
N TYR B 265 -22.69 -20.67 -2.79
CA TYR B 265 -21.34 -20.31 -3.16
C TYR B 265 -21.31 -20.01 -4.64
N PRO B 266 -20.76 -18.86 -5.04
CA PRO B 266 -20.60 -18.55 -6.48
C PRO B 266 -19.22 -18.90 -7.04
N LEU B 267 -19.09 -19.76 -8.06
CA LEU B 267 -17.75 -20.04 -8.58
C LEU B 267 -17.66 -19.71 -10.06
N ARG B 268 -16.75 -18.79 -10.37
CA ARG B 268 -16.58 -18.33 -11.74
C ARG B 268 -15.85 -19.38 -12.54
N VAL B 269 -16.36 -19.68 -13.73
CA VAL B 269 -15.79 -20.71 -14.59
C VAL B 269 -15.55 -20.12 -15.96
N GLY B 270 -14.45 -20.52 -16.58
CA GLY B 270 -14.12 -20.12 -17.94
C GLY B 270 -14.00 -21.33 -18.84
N ILE B 271 -14.46 -21.19 -20.07
CA ILE B 271 -14.43 -22.32 -21.03
C ILE B 271 -12.99 -22.61 -21.39
N ARG B 272 -12.34 -23.47 -20.59
CA ARG B 272 -10.90 -23.74 -20.65
C ARG B 272 -10.67 -25.13 -21.20
N SER B 273 -9.59 -25.31 -21.93
CA SER B 273 -9.69 -26.52 -22.75
C SER B 273 -8.49 -27.46 -22.74
N VAL B 274 -7.29 -26.96 -22.57
CA VAL B 274 -6.18 -27.37 -23.43
C VAL B 274 -5.23 -28.41 -22.86
N ALA B 275 -4.75 -29.28 -23.75
CA ALA B 275 -3.57 -30.11 -23.65
C ALA B 275 -2.58 -29.68 -24.75
N VAL B 276 -1.50 -30.42 -24.92
CA VAL B 276 -0.47 -30.07 -25.89
C VAL B 276 -0.46 -31.10 -27.01
N LYS B 277 -0.21 -30.62 -28.22
CA LYS B 277 -0.38 -31.43 -29.43
C LYS B 277 0.84 -31.28 -30.33
N GLY B 278 1.69 -32.29 -30.37
CA GLY B 278 2.89 -32.24 -31.17
C GLY B 278 3.82 -31.12 -30.71
N GLU B 279 3.97 -30.09 -31.54
CA GLU B 279 4.85 -28.96 -31.25
C GLU B 279 4.07 -27.69 -30.96
N GLN B 280 2.77 -27.80 -30.73
CA GLN B 280 1.90 -26.65 -30.59
C GLN B 280 1.29 -26.65 -29.22
N PHE B 281 1.30 -25.48 -28.58
CA PHE B 281 0.50 -25.27 -27.38
C PHE B 281 -0.83 -24.70 -27.87
N LEU B 282 -1.83 -25.57 -27.98
CA LEU B 282 -3.10 -25.06 -28.50
C LEU B 282 -3.89 -24.40 -27.40
N ILE B 283 -4.87 -23.58 -27.77
CA ILE B 283 -5.90 -23.16 -26.82
C ILE B 283 -7.23 -23.14 -27.54
N ASN B 284 -8.18 -23.90 -27.01
CA ASN B 284 -9.41 -24.16 -27.76
C ASN B 284 -9.06 -24.54 -29.20
N HIS B 285 -8.12 -25.49 -29.34
CA HIS B 285 -7.68 -26.04 -30.64
C HIS B 285 -7.03 -25.00 -31.53
N LYS B 286 -6.37 -24.03 -30.92
CA LYS B 286 -5.74 -22.85 -31.52
C LYS B 286 -4.27 -22.74 -31.14
N PRO B 287 -3.35 -22.70 -32.10
CA PRO B 287 -1.97 -22.40 -31.75
C PRO B 287 -1.85 -21.07 -31.02
N PHE B 288 -0.84 -20.99 -30.14
CA PHE B 288 -0.66 -19.81 -29.30
C PHE B 288 0.82 -19.49 -29.23
N TYR B 289 1.13 -18.22 -29.07
CA TYR B 289 2.43 -17.72 -28.67
C TYR B 289 2.36 -16.95 -27.35
N PHE B 290 2.96 -17.52 -26.32
CA PHE B 290 3.07 -16.80 -25.06
C PHE B 290 3.94 -15.56 -25.24
N THR B 291 3.47 -14.41 -24.75
CA THR B 291 4.33 -13.23 -24.62
C THR B 291 4.16 -12.68 -23.21
N GLY B 292 5.25 -12.25 -22.63
CA GLY B 292 5.10 -11.60 -21.35
C GLY B 292 6.33 -11.78 -20.49
N PHE B 293 6.08 -12.10 -19.23
CA PHE B 293 7.12 -11.95 -18.24
C PHE B 293 7.19 -13.12 -17.26
N GLY B 294 8.42 -13.32 -16.77
CA GLY B 294 8.58 -13.87 -15.44
C GLY B 294 8.42 -12.72 -14.46
N ARG B 295 7.59 -12.93 -13.43
CA ARG B 295 7.29 -11.82 -12.53
C ARG B 295 7.99 -12.06 -11.19
N HIS B 296 7.66 -11.21 -10.23
CA HIS B 296 8.04 -11.41 -8.85
C HIS B 296 7.07 -10.62 -8.01
N GLU B 297 6.83 -11.08 -6.79
CA GLU B 297 6.12 -10.27 -5.82
C GLU B 297 7.19 -9.52 -5.05
N ASP B 298 7.42 -8.26 -5.42
CA ASP B 298 8.52 -7.47 -4.86
C ASP B 298 8.26 -6.02 -5.16
N ALA B 299 8.21 -5.19 -4.12
CA ALA B 299 7.96 -3.76 -4.26
C ALA B 299 8.83 -3.00 -3.26
N ASP B 300 8.72 -1.66 -3.28
CA ASP B 300 9.79 -0.84 -2.75
C ASP B 300 9.84 -0.89 -1.21
N LEU B 301 8.69 -0.93 -0.52
CA LEU B 301 8.77 -0.95 0.94
C LEU B 301 8.02 -2.07 1.63
N ARG B 302 7.19 -2.81 0.91
CA ARG B 302 6.36 -3.89 1.42
C ARG B 302 6.96 -5.27 1.22
N GLY B 303 8.12 -5.34 0.61
CA GLY B 303 8.65 -6.65 0.27
C GLY B 303 7.70 -7.35 -0.69
N LYS B 304 7.25 -8.52 -0.29
CA LYS B 304 6.36 -9.28 -1.16
C LYS B 304 4.90 -9.05 -0.81
N GLY B 305 4.62 -8.10 0.07
CA GLY B 305 3.27 -7.85 0.48
C GLY B 305 2.40 -7.43 -0.68
N PHE B 306 1.25 -8.10 -0.83
CA PHE B 306 0.30 -7.77 -1.88
C PHE B 306 -0.21 -6.36 -1.66
N ASP B 307 -0.53 -5.68 -2.76
CA ASP B 307 -1.10 -4.33 -2.68
C ASP B 307 -1.92 -4.03 -3.95
N ASN B 308 -3.18 -3.59 -3.76
CA ASN B 308 -4.09 -3.45 -4.89
C ASN B 308 -3.59 -2.43 -5.91
N VAL B 309 -3.03 -1.30 -5.43
CA VAL B 309 -2.49 -0.27 -6.32
C VAL B 309 -1.44 -0.85 -7.24
N LEU B 310 -0.50 -1.61 -6.67
CA LEU B 310 0.58 -2.20 -7.47
C LEU B 310 0.06 -3.15 -8.51
N MET B 311 -0.93 -3.93 -8.14
CA MET B 311 -1.50 -4.89 -9.07
C MET B 311 -2.16 -4.19 -10.24
N VAL B 312 -2.97 -3.16 -9.95
CA VAL B 312 -3.63 -2.41 -11.01
C VAL B 312 -2.59 -1.77 -11.93
N HIS B 313 -1.53 -1.19 -11.36
CA HIS B 313 -0.56 -0.47 -12.18
C HIS B 313 0.27 -1.42 -13.05
N ASP B 314 0.71 -2.55 -12.51
CA ASP B 314 1.57 -3.42 -13.29
C ASP B 314 0.77 -4.22 -14.30
N HIS B 315 -0.52 -4.42 -14.06
CA HIS B 315 -1.36 -4.93 -15.13
C HIS B 315 -1.54 -3.87 -16.21
N ALA B 316 -1.68 -2.60 -15.82
CA ALA B 316 -1.71 -1.54 -16.83
C ALA B 316 -0.44 -1.53 -17.67
N LEU B 317 0.71 -1.84 -17.05
CA LEU B 317 1.97 -1.84 -17.77
C LEU B 317 2.07 -3.03 -18.72
N MET B 318 1.71 -4.23 -18.25
CA MET B 318 1.74 -5.40 -19.12
C MET B 318 0.73 -5.25 -20.25
N ASP B 319 -0.40 -4.61 -19.98
CA ASP B 319 -1.40 -4.37 -21.01
C ASP B 319 -0.82 -3.44 -22.06
N TRP B 320 -0.28 -2.30 -21.64
CA TRP B 320 0.33 -1.39 -22.61
C TRP B 320 1.39 -2.11 -23.42
N ILE B 321 2.29 -2.83 -22.75
CA ILE B 321 3.43 -3.41 -23.45
C ILE B 321 3.01 -4.54 -24.39
N GLY B 322 1.80 -5.06 -24.27
CA GLY B 322 1.33 -6.07 -25.20
C GLY B 322 1.46 -7.50 -24.73
N ALA B 323 2.01 -7.74 -23.54
CA ALA B 323 2.07 -9.09 -22.99
C ALA B 323 0.67 -9.65 -22.80
N ASN B 324 0.48 -10.92 -23.16
CA ASN B 324 -0.78 -11.61 -22.91
C ASN B 324 -0.64 -12.71 -21.88
N SER B 325 0.53 -12.87 -21.29
CA SER B 325 0.76 -14.00 -20.39
C SER B 325 1.87 -13.66 -19.42
N TYR B 326 1.97 -14.47 -18.38
CA TYR B 326 3.12 -14.40 -17.49
C TYR B 326 3.19 -15.69 -16.69
N ARG B 327 4.23 -15.78 -15.89
CA ARG B 327 4.47 -16.94 -15.07
C ARG B 327 4.80 -16.54 -13.64
N THR B 328 4.12 -17.16 -12.66
CA THR B 328 4.26 -16.80 -11.25
C THR B 328 5.60 -17.33 -10.72
N SER B 329 6.65 -16.60 -11.03
CA SER B 329 8.00 -17.09 -10.86
C SER B 329 8.32 -17.40 -9.41
N HIS B 330 8.58 -18.68 -9.14
CA HIS B 330 9.30 -19.25 -8.00
C HIS B 330 8.48 -19.35 -6.73
N TYR B 331 7.19 -19.05 -6.75
CA TYR B 331 6.31 -19.31 -5.64
C TYR B 331 4.87 -19.02 -6.09
N PRO B 332 3.87 -19.55 -5.38
CA PRO B 332 2.49 -19.20 -5.69
C PRO B 332 2.20 -17.74 -5.41
N TYR B 333 1.43 -17.12 -6.31
CA TYR B 333 1.16 -15.71 -6.22
C TYR B 333 -0.10 -15.42 -5.40
N ALA B 334 -0.34 -14.13 -5.20
CA ALA B 334 -1.60 -13.69 -4.62
C ALA B 334 -2.75 -14.12 -5.53
N GLU B 335 -3.69 -14.86 -4.96
CA GLU B 335 -4.84 -15.32 -5.74
C GLU B 335 -5.58 -14.18 -6.45
N GLU B 336 -5.55 -12.98 -5.85
CA GLU B 336 -6.12 -11.81 -6.51
C GLU B 336 -5.62 -11.69 -7.94
N MET B 337 -4.38 -12.06 -8.17
CA MET B 337 -3.84 -11.88 -9.51
C MET B 337 -4.40 -12.89 -10.48
N LEU B 338 -4.76 -14.09 -10.00
CA LEU B 338 -5.34 -15.11 -10.87
C LEU B 338 -6.82 -14.89 -11.09
N ASP B 339 -7.51 -14.25 -10.13
CA ASP B 339 -8.85 -13.77 -10.39
C ASP B 339 -8.81 -12.69 -11.46
N TRP B 340 -7.87 -11.76 -11.31
CA TRP B 340 -7.67 -10.71 -12.31
C TRP B 340 -7.38 -11.34 -13.67
N ALA B 341 -6.40 -12.24 -13.74
CA ALA B 341 -6.08 -12.93 -14.97
C ALA B 341 -7.30 -13.66 -15.53
N ASP B 342 -8.18 -14.16 -14.65
CA ASP B 342 -9.46 -14.76 -15.06
C ASP B 342 -10.29 -13.75 -15.83
N GLU B 343 -10.58 -12.61 -15.20
CA GLU B 343 -11.47 -11.65 -15.83
C GLU B 343 -10.84 -11.02 -17.07
N HIS B 344 -9.53 -10.86 -17.07
CA HIS B 344 -8.82 -10.19 -18.15
C HIS B 344 -8.17 -11.14 -19.14
N GLY B 345 -8.36 -12.45 -18.99
CA GLY B 345 -7.83 -13.27 -20.07
C GLY B 345 -6.31 -13.27 -20.16
N ILE B 346 -5.66 -13.23 -19.02
CA ILE B 346 -4.21 -13.37 -18.95
C ILE B 346 -3.92 -14.85 -18.81
N VAL B 347 -2.98 -15.34 -19.61
CA VAL B 347 -2.53 -16.72 -19.54
C VAL B 347 -1.43 -16.79 -18.48
N VAL B 348 -1.50 -17.80 -17.60
CA VAL B 348 -0.65 -17.88 -16.41
C VAL B 348 -0.01 -19.26 -16.37
N ILE B 349 1.31 -19.30 -16.19
CA ILE B 349 2.01 -20.53 -15.85
C ILE B 349 2.18 -20.54 -14.33
N ASP B 350 1.50 -21.47 -13.65
CA ASP B 350 1.51 -21.55 -12.20
C ASP B 350 2.72 -22.38 -11.74
N GLU B 351 3.56 -21.78 -10.89
CA GLU B 351 4.79 -22.40 -10.39
C GLU B 351 4.74 -22.45 -8.87
N THR B 352 5.29 -23.51 -8.28
CA THR B 352 5.39 -23.57 -6.82
C THR B 352 6.75 -23.03 -6.32
N ALA B 353 6.92 -23.03 -4.99
CA ALA B 353 8.07 -22.41 -4.36
C ALA B 353 9.31 -23.25 -4.41
N ALA B 354 9.31 -24.30 -5.24
CA ALA B 354 10.42 -25.25 -5.29
C ALA B 354 11.51 -24.72 -6.23
N VAL B 355 12.30 -23.76 -5.69
CA VAL B 355 13.50 -23.24 -6.36
C VAL B 355 14.70 -23.42 -5.46
N GLY B 356 15.88 -23.46 -6.07
CA GLY B 356 17.10 -23.68 -5.35
C GLY B 356 17.54 -25.13 -5.22
N PHE B 357 16.88 -26.06 -5.91
CA PHE B 357 17.32 -27.47 -5.97
C PHE B 357 18.51 -27.60 -6.92
N ASN B 358 19.57 -26.87 -6.58
CA ASN B 358 20.72 -26.74 -7.44
C ASN B 358 21.84 -26.07 -6.66
N LEU B 359 23.00 -26.71 -6.61
CA LEU B 359 24.18 -26.15 -5.96
C LEU B 359 25.27 -25.83 -6.96
N SER B 360 24.94 -25.70 -8.24
CA SER B 360 25.89 -25.39 -9.28
C SER B 360 25.82 -23.94 -9.74
N LEU B 361 24.88 -23.16 -9.18
CA LEU B 361 24.60 -21.81 -9.66
C LEU B 361 25.29 -20.73 -8.87
N GLY B 362 25.56 -20.97 -7.59
CA GLY B 362 26.23 -19.95 -6.80
C GLY B 362 27.63 -19.71 -7.30
N ILE B 363 27.99 -18.43 -7.42
CA ILE B 363 29.27 -18.03 -8.00
C ILE B 363 29.92 -16.98 -7.11
N GLY B 364 31.18 -17.24 -6.76
CA GLY B 364 31.91 -16.33 -5.90
C GLY B 364 33.23 -16.96 -5.48
N PHE B 365 33.74 -16.43 -4.36
CA PHE B 365 35.04 -16.75 -3.79
C PHE B 365 34.95 -17.53 -2.48
N GLU B 366 33.75 -17.99 -2.08
CA GLU B 366 33.56 -18.69 -0.79
C GLU B 366 33.59 -20.22 -0.93
N ASN B 369 31.44 -24.34 2.82
CA ASN B 369 31.14 -25.76 2.69
C ASN B 369 29.62 -26.09 2.53
N LYS B 370 29.21 -26.33 1.29
CA LYS B 370 27.89 -26.78 0.90
C LYS B 370 27.95 -28.26 0.57
N PRO B 371 26.84 -28.99 0.80
CA PRO B 371 26.85 -30.46 0.61
C PRO B 371 27.38 -30.87 -0.75
N LYS B 372 27.98 -32.05 -0.78
CA LYS B 372 28.71 -32.50 -1.94
C LYS B 372 27.85 -33.28 -2.92
N GLU B 373 26.83 -33.96 -2.44
CA GLU B 373 25.97 -34.78 -3.28
C GLU B 373 24.57 -34.21 -3.24
N LEU B 374 24.10 -33.68 -4.38
CA LEU B 374 22.80 -33.03 -4.35
C LEU B 374 21.69 -33.95 -3.84
N TYR B 375 21.35 -35.01 -4.59
CA TYR B 375 20.30 -35.94 -4.14
C TYR B 375 20.89 -36.99 -3.23
N SER B 376 20.59 -36.87 -1.95
CA SER B 376 21.09 -37.75 -0.90
C SER B 376 20.43 -37.36 0.40
N GLU B 377 20.70 -38.12 1.46
CA GLU B 377 20.09 -37.88 2.76
C GLU B 377 20.55 -36.54 3.36
N GLU B 378 21.77 -36.11 3.06
CA GLU B 378 22.30 -34.86 3.59
C GLU B 378 21.51 -33.66 3.07
N ALA B 379 20.94 -33.78 1.87
CA ALA B 379 20.26 -32.67 1.25
C ALA B 379 18.82 -33.04 0.95
N VAL B 380 18.52 -33.11 -0.35
CA VAL B 380 17.18 -33.43 -0.81
C VAL B 380 16.97 -34.95 -0.63
N ASN B 381 16.19 -35.31 0.38
CA ASN B 381 15.99 -36.70 0.79
C ASN B 381 14.54 -37.09 0.52
N GLY B 382 14.07 -38.17 1.16
CA GLY B 382 12.67 -38.53 1.03
C GLY B 382 11.73 -37.54 1.67
N GLU B 383 12.05 -37.10 2.90
CA GLU B 383 11.30 -36.00 3.53
C GLU B 383 11.17 -34.80 2.60
N THR B 384 12.26 -34.44 1.91
CA THR B 384 12.19 -33.34 0.95
C THR B 384 11.18 -33.62 -0.16
N GLN B 385 11.18 -34.85 -0.71
CA GLN B 385 10.26 -35.19 -1.79
C GLN B 385 8.81 -35.13 -1.31
N GLN B 386 8.55 -35.50 -0.05
CA GLN B 386 7.18 -35.47 0.45
C GLN B 386 6.73 -34.05 0.80
N ALA B 387 7.61 -33.22 1.35
CA ALA B 387 7.27 -31.81 1.53
C ALA B 387 7.01 -31.14 0.19
N HIS B 388 7.79 -31.50 -0.82
CA HIS B 388 7.56 -31.02 -2.18
C HIS B 388 6.17 -31.42 -2.65
N LEU B 389 5.85 -32.72 -2.55
CA LEU B 389 4.55 -33.16 -3.00
C LEU B 389 3.43 -32.44 -2.26
N GLN B 390 3.65 -32.13 -0.98
CA GLN B 390 2.65 -31.32 -0.27
C GLN B 390 2.51 -29.95 -0.90
N ALA B 391 3.64 -29.32 -1.27
CA ALA B 391 3.54 -27.99 -1.88
C ALA B 391 2.76 -28.03 -3.20
N ILE B 392 3.10 -28.98 -4.08
CA ILE B 392 2.31 -29.13 -5.32
C ILE B 392 0.85 -29.39 -4.97
N LYS B 393 0.62 -30.17 -3.92
CA LYS B 393 -0.73 -30.51 -3.50
C LYS B 393 -1.52 -29.25 -3.13
N GLU B 394 -0.93 -28.36 -2.36
CA GLU B 394 -1.65 -27.18 -1.93
C GLU B 394 -1.89 -26.21 -3.09
N LEU B 395 -0.87 -26.03 -3.95
CA LEU B 395 -1.05 -25.11 -5.08
C LEU B 395 -2.20 -25.56 -5.98
N ILE B 396 -2.21 -26.85 -6.35
CA ILE B 396 -3.31 -27.36 -7.18
C ILE B 396 -4.64 -27.33 -6.41
N ALA B 397 -4.59 -27.64 -5.11
CA ALA B 397 -5.81 -27.70 -4.32
C ALA B 397 -6.53 -26.37 -4.30
N ARG B 398 -5.80 -25.26 -4.36
CA ARG B 398 -6.50 -23.99 -4.30
C ARG B 398 -6.61 -23.24 -5.61
N ASP B 399 -5.77 -23.54 -6.61
CA ASP B 399 -5.88 -22.89 -7.92
C ASP B 399 -6.44 -23.81 -9.01
N LYS B 400 -7.20 -24.86 -8.64
CA LYS B 400 -7.66 -25.84 -9.63
C LYS B 400 -8.78 -25.32 -10.51
N ASN B 401 -9.65 -24.45 -9.99
CA ASN B 401 -10.82 -23.99 -10.71
C ASN B 401 -10.58 -22.69 -11.49
N HIS B 402 -9.37 -22.17 -11.47
CA HIS B 402 -9.08 -20.94 -12.20
C HIS B 402 -8.90 -21.23 -13.68
N PRO B 403 -9.65 -20.56 -14.57
CA PRO B 403 -9.36 -20.71 -16.01
C PRO B 403 -8.01 -20.16 -16.40
N SER B 404 -7.51 -19.15 -15.69
CA SER B 404 -6.27 -18.52 -16.13
C SER B 404 -5.07 -19.44 -15.98
N VAL B 405 -5.11 -20.37 -15.01
CA VAL B 405 -4.01 -21.33 -14.86
C VAL B 405 -4.05 -22.28 -16.04
N VAL B 406 -2.99 -22.25 -16.83
CA VAL B 406 -2.93 -22.94 -18.12
C VAL B 406 -1.91 -24.06 -18.10
N MET B 407 -1.13 -24.15 -17.04
CA MET B 407 -0.05 -25.12 -16.98
C MET B 407 0.52 -25.08 -15.58
N TRP B 408 0.86 -26.24 -15.05
CA TRP B 408 1.57 -26.27 -13.78
C TRP B 408 3.07 -26.42 -14.04
N SER B 409 3.90 -25.87 -13.15
CA SER B 409 5.36 -26.02 -13.26
C SER B 409 5.89 -26.58 -11.95
N ILE B 410 6.50 -27.77 -12.02
CA ILE B 410 6.84 -28.49 -10.79
C ILE B 410 7.90 -27.74 -10.00
N ALA B 411 8.94 -27.28 -10.67
CA ALA B 411 10.07 -26.64 -10.00
C ALA B 411 10.77 -25.72 -10.99
N ASN B 412 11.73 -24.95 -10.49
CA ASN B 412 12.46 -24.04 -11.36
C ASN B 412 13.97 -24.23 -11.24
N GLU B 413 14.60 -24.44 -12.41
CA GLU B 413 16.03 -24.63 -12.59
C GLU B 413 16.60 -25.61 -11.61
N PRO B 414 16.17 -26.88 -11.56
CA PRO B 414 16.80 -27.88 -10.73
C PRO B 414 18.05 -28.42 -11.40
N ASP B 415 18.97 -28.85 -10.55
CA ASP B 415 20.21 -29.52 -10.97
C ASP B 415 19.88 -30.99 -11.25
N THR B 416 19.87 -31.38 -12.53
CA THR B 416 19.52 -32.75 -12.90
C THR B 416 20.72 -33.58 -13.33
N ARG B 417 21.93 -33.01 -13.30
CA ARG B 417 23.12 -33.78 -13.61
C ARG B 417 23.42 -34.81 -12.53
N PRO B 418 23.41 -34.49 -11.23
CA PRO B 418 23.79 -35.48 -10.23
C PRO B 418 22.93 -36.72 -10.27
N GLN B 419 23.50 -37.79 -9.73
CA GLN B 419 22.80 -39.06 -9.62
C GLN B 419 21.62 -38.93 -8.66
N GLY B 420 20.53 -39.58 -9.02
CA GLY B 420 19.33 -39.56 -8.21
C GLY B 420 18.28 -38.57 -8.64
N ALA B 421 18.60 -37.71 -9.61
CA ALA B 421 17.67 -36.65 -10.02
C ALA B 421 16.35 -37.22 -10.53
N ARG B 422 16.39 -38.19 -11.45
CA ARG B 422 15.12 -38.62 -12.01
C ARG B 422 14.36 -39.53 -11.05
N GLU B 423 15.07 -40.29 -10.19
CA GLU B 423 14.39 -41.03 -9.13
C GLU B 423 13.59 -40.12 -8.22
N TYR B 424 14.10 -38.91 -7.97
CA TYR B 424 13.37 -37.91 -7.20
C TYR B 424 12.19 -37.36 -8.00
N PHE B 425 12.43 -36.88 -9.22
CA PHE B 425 11.39 -36.09 -9.90
C PHE B 425 10.31 -36.94 -10.58
N ALA B 426 10.56 -38.21 -10.85
CA ALA B 426 9.57 -39.05 -11.52
C ALA B 426 8.27 -39.20 -10.73
N PRO B 427 8.28 -39.64 -9.46
CA PRO B 427 7.00 -39.74 -8.74
C PRO B 427 6.29 -38.41 -8.60
N LEU B 428 7.01 -37.27 -8.63
CA LEU B 428 6.37 -35.95 -8.54
C LEU B 428 5.66 -35.57 -9.83
N ALA B 429 6.30 -35.78 -10.98
CA ALA B 429 5.62 -35.53 -12.25
C ALA B 429 4.39 -36.42 -12.37
N GLU B 430 4.57 -37.71 -12.07
CA GLU B 430 3.48 -38.65 -12.24
C GLU B 430 2.34 -38.32 -11.26
N ALA B 431 2.70 -38.06 -9.98
CA ALA B 431 1.70 -37.71 -8.97
C ALA B 431 0.95 -36.44 -9.34
N THR B 432 1.66 -35.42 -9.84
CA THR B 432 0.95 -34.20 -10.23
C THR B 432 -0.01 -34.46 -11.40
N ARG B 433 0.41 -35.28 -12.37
CA ARG B 433 -0.53 -35.66 -13.42
C ARG B 433 -1.74 -36.36 -12.83
N LYS B 434 -1.54 -37.04 -11.68
CA LYS B 434 -2.60 -37.65 -10.86
C LYS B 434 -3.44 -36.61 -10.14
N LEU B 435 -2.85 -35.43 -9.88
CA LEU B 435 -3.52 -34.35 -9.16
C LEU B 435 -4.42 -33.50 -10.05
N ASP B 436 -4.10 -33.36 -11.35
CA ASP B 436 -5.02 -32.74 -12.30
C ASP B 436 -4.57 -33.03 -13.73
N PRO B 437 -5.30 -33.82 -14.51
CA PRO B 437 -4.89 -34.09 -15.90
C PRO B 437 -5.39 -33.06 -16.90
N THR B 438 -6.03 -32.01 -16.44
CA THR B 438 -6.65 -31.04 -17.35
C THR B 438 -5.61 -30.11 -17.96
N ARG B 439 -4.57 -29.76 -17.20
CA ARG B 439 -3.58 -28.82 -17.68
C ARG B 439 -2.22 -29.49 -17.82
N PRO B 440 -1.37 -29.04 -18.73
CA PRO B 440 -0.06 -29.67 -18.92
C PRO B 440 0.89 -29.41 -17.75
N ILE B 441 2.01 -30.13 -17.79
CA ILE B 441 3.03 -30.18 -16.75
C ILE B 441 4.39 -29.80 -17.33
N THR B 442 5.10 -28.87 -16.67
CA THR B 442 6.43 -28.49 -17.09
C THR B 442 7.40 -28.45 -15.90
N CYS B 443 8.68 -28.38 -16.24
CA CYS B 443 9.73 -28.11 -15.26
C CYS B 443 10.77 -27.24 -15.94
N VAL B 444 10.81 -25.97 -15.58
CA VAL B 444 11.72 -25.02 -16.22
C VAL B 444 13.16 -25.47 -16.06
N ASN B 445 13.92 -25.39 -17.14
CA ASN B 445 15.25 -25.96 -17.24
C ASN B 445 16.34 -24.89 -17.14
N VAL B 446 17.38 -25.18 -16.35
CA VAL B 446 18.52 -24.27 -16.11
C VAL B 446 19.55 -24.39 -17.24
N MET B 447 20.35 -23.34 -17.38
CA MET B 447 21.24 -23.21 -18.54
C MET B 447 22.15 -24.40 -18.75
N PHE B 448 22.67 -24.94 -17.67
CA PHE B 448 23.81 -25.81 -17.78
C PHE B 448 23.41 -27.27 -17.86
N CYS B 449 22.13 -27.57 -17.71
CA CYS B 449 21.63 -28.88 -18.10
C CYS B 449 21.08 -28.76 -19.51
N ASP B 450 22.00 -28.73 -20.47
CA ASP B 450 21.65 -28.48 -21.87
C ASP B 450 20.91 -29.69 -22.47
N ALA B 451 20.77 -29.67 -23.81
CA ALA B 451 19.99 -30.69 -24.51
C ALA B 451 20.66 -32.05 -24.45
N HIS B 452 21.99 -32.09 -24.39
CA HIS B 452 22.72 -33.35 -24.36
C HIS B 452 22.83 -33.90 -22.95
N THR B 453 22.34 -33.18 -21.94
CA THR B 453 22.66 -33.53 -20.55
C THR B 453 21.45 -33.73 -19.65
N ASP B 454 20.38 -32.98 -19.87
CA ASP B 454 19.28 -33.01 -18.90
C ASP B 454 18.65 -34.39 -18.84
N THR B 455 18.21 -34.76 -17.64
CA THR B 455 17.75 -36.10 -17.31
C THR B 455 16.23 -36.24 -17.31
N ILE B 456 15.53 -35.16 -16.99
CA ILE B 456 14.12 -35.23 -16.61
C ILE B 456 13.18 -34.66 -17.66
N SER B 457 13.70 -34.00 -18.70
CA SER B 457 12.82 -33.36 -19.68
C SER B 457 11.85 -34.35 -20.30
N ASP B 458 12.21 -35.63 -20.30
CA ASP B 458 11.38 -36.69 -20.88
C ASP B 458 9.97 -36.70 -20.26
N LEU B 459 9.86 -36.36 -18.98
CA LEU B 459 8.66 -36.60 -18.19
C LEU B 459 7.61 -35.50 -18.29
N PHE B 460 7.84 -34.43 -19.05
CA PHE B 460 6.95 -33.26 -19.03
C PHE B 460 6.39 -32.98 -20.42
N ASP B 461 5.28 -32.20 -20.44
CA ASP B 461 4.51 -32.01 -21.65
C ASP B 461 5.19 -31.02 -22.58
N VAL B 462 5.57 -29.87 -22.06
CA VAL B 462 6.26 -28.89 -22.88
C VAL B 462 7.41 -28.39 -22.04
N LEU B 463 8.60 -28.34 -22.59
CA LEU B 463 9.77 -27.96 -21.81
C LEU B 463 10.01 -26.46 -21.95
N CYS B 464 10.35 -25.85 -20.82
CA CYS B 464 10.56 -24.42 -20.68
C CYS B 464 12.04 -24.15 -20.39
N LEU B 465 12.65 -23.25 -21.16
CA LEU B 465 14.09 -23.01 -21.07
C LEU B 465 14.40 -21.62 -20.54
N ASN B 466 15.34 -21.54 -19.61
CA ASN B 466 15.85 -20.28 -19.09
C ASN B 466 17.27 -20.12 -19.58
N ARG B 467 17.47 -19.42 -20.69
CA ARG B 467 18.79 -19.31 -21.29
C ARG B 467 19.30 -17.87 -21.38
N TYR B 468 20.61 -17.73 -21.19
CA TYR B 468 21.26 -16.45 -21.00
C TYR B 468 22.57 -16.39 -21.78
N TYR B 469 22.58 -17.01 -22.94
CA TYR B 469 23.73 -16.85 -23.82
C TYR B 469 23.94 -15.39 -24.14
N GLY B 470 25.20 -14.96 -24.07
CA GLY B 470 25.55 -13.57 -24.20
C GLY B 470 25.67 -12.84 -22.89
N TRP B 471 25.24 -13.44 -21.78
CA TRP B 471 25.41 -12.80 -20.50
C TRP B 471 26.36 -13.59 -19.61
N TYR B 472 25.87 -14.70 -19.03
CA TYR B 472 26.67 -15.48 -18.08
C TYR B 472 27.71 -16.34 -18.75
N VAL B 473 27.52 -16.70 -20.02
CA VAL B 473 28.39 -17.71 -20.61
C VAL B 473 29.01 -17.28 -21.93
N GLN B 474 28.52 -16.24 -22.60
CA GLN B 474 29.14 -15.79 -23.84
C GLN B 474 29.68 -14.38 -23.73
N SER B 475 30.12 -14.01 -22.54
CA SER B 475 30.96 -12.85 -22.27
C SER B 475 30.56 -11.57 -22.99
N GLY B 476 29.27 -11.33 -23.26
CA GLY B 476 28.96 -10.09 -23.94
C GLY B 476 29.13 -10.08 -25.45
N ASP B 477 29.22 -11.24 -26.08
CA ASP B 477 29.45 -11.32 -27.52
C ASP B 477 28.19 -11.88 -28.18
N LEU B 478 27.36 -10.98 -28.71
CA LEU B 478 26.08 -11.38 -29.28
C LEU B 478 26.23 -12.25 -30.51
N GLU B 479 27.36 -12.12 -31.18
CA GLU B 479 27.45 -12.63 -32.53
C GLU B 479 27.69 -14.13 -32.51
N THR B 480 28.39 -14.64 -31.47
CA THR B 480 28.53 -16.07 -31.16
C THR B 480 27.33 -16.59 -30.36
N ALA B 481 26.82 -15.75 -29.44
CA ALA B 481 25.69 -16.14 -28.62
C ALA B 481 24.49 -16.54 -29.48
N GLU B 482 24.27 -15.82 -30.59
CA GLU B 482 23.15 -16.18 -31.46
C GLU B 482 23.31 -17.60 -31.99
N LYS B 483 24.52 -17.92 -32.46
CA LYS B 483 24.78 -19.21 -33.05
C LYS B 483 24.59 -20.32 -32.02
N VAL B 484 25.20 -20.17 -30.84
CA VAL B 484 25.05 -21.16 -29.76
C VAL B 484 23.57 -21.37 -29.43
N LEU B 485 22.85 -20.26 -29.23
CA LEU B 485 21.46 -20.36 -28.83
C LEU B 485 20.64 -21.07 -29.90
N GLU B 486 20.90 -20.77 -31.17
CA GLU B 486 20.16 -21.46 -32.22
C GLU B 486 20.50 -22.96 -32.28
N LYS B 487 21.80 -23.35 -32.16
CA LYS B 487 22.02 -24.81 -32.24
C LYS B 487 21.24 -25.50 -31.18
N GLU B 488 21.31 -24.90 -30.01
CA GLU B 488 20.77 -25.54 -28.84
C GLU B 488 19.28 -25.64 -28.96
N LEU B 489 18.67 -24.64 -29.60
CA LEU B 489 17.25 -24.64 -29.89
C LEU B 489 16.89 -25.86 -30.70
N LEU B 490 17.47 -25.93 -31.92
CA LEU B 490 17.17 -27.03 -32.84
C LEU B 490 17.40 -28.36 -32.15
N ALA B 491 18.52 -28.46 -31.43
CA ALA B 491 18.86 -29.69 -30.72
C ALA B 491 17.75 -30.11 -29.77
N TRP B 492 17.29 -29.17 -28.92
CA TRP B 492 16.22 -29.48 -27.97
C TRP B 492 14.98 -30.03 -28.65
N GLN B 493 14.50 -29.34 -29.69
CA GLN B 493 13.28 -29.79 -30.35
C GLN B 493 13.43 -31.20 -30.92
N GLU B 494 14.43 -31.41 -31.76
CA GLU B 494 14.59 -32.73 -32.36
C GLU B 494 14.76 -33.83 -31.30
N LYS B 495 15.38 -33.50 -30.15
CA LYS B 495 15.47 -34.45 -29.03
C LYS B 495 14.11 -34.74 -28.39
N LEU B 496 13.19 -33.78 -28.37
CA LEU B 496 11.91 -34.09 -27.73
C LEU B 496 10.66 -33.73 -28.54
N HIS B 497 10.78 -32.97 -29.63
CA HIS B 497 9.64 -32.58 -30.47
C HIS B 497 8.49 -32.07 -29.60
N GLN B 498 8.83 -31.28 -28.60
CA GLN B 498 7.87 -30.60 -27.76
C GLN B 498 7.81 -29.14 -28.16
N PRO B 499 6.76 -28.43 -27.74
CA PRO B 499 6.83 -26.97 -27.78
C PRO B 499 7.85 -26.46 -26.78
N ILE B 500 8.52 -25.38 -27.15
CA ILE B 500 9.55 -24.77 -26.33
C ILE B 500 9.05 -23.39 -25.93
N ILE B 501 8.96 -23.13 -24.63
CA ILE B 501 8.64 -21.80 -24.13
C ILE B 501 9.88 -21.26 -23.44
N ILE B 502 10.41 -20.16 -23.95
CA ILE B 502 11.58 -19.61 -23.30
C ILE B 502 11.10 -18.89 -22.07
N THR B 503 11.19 -19.54 -20.92
CA THR B 503 10.60 -18.84 -19.80
C THR B 503 11.49 -17.75 -19.19
N GLU B 504 12.84 -17.91 -19.30
CA GLU B 504 13.61 -16.76 -18.84
C GLU B 504 14.61 -16.30 -19.88
N TYR B 505 14.62 -15.01 -20.19
CA TYR B 505 15.74 -14.48 -20.98
C TYR B 505 15.86 -12.99 -20.75
N GLY B 506 17.02 -12.57 -20.30
CA GLY B 506 17.20 -11.16 -19.96
C GLY B 506 18.61 -10.92 -19.49
N VAL B 507 18.91 -9.64 -19.31
CA VAL B 507 20.24 -9.21 -18.92
C VAL B 507 20.11 -8.06 -17.93
N ASP B 508 21.05 -7.97 -16.99
CA ASP B 508 21.07 -6.88 -16.02
C ASP B 508 21.40 -5.59 -16.73
N THR B 509 20.56 -4.58 -16.56
CA THR B 509 20.85 -3.28 -17.13
C THR B 509 20.35 -2.21 -16.17
N LEU B 510 21.24 -1.37 -15.67
CA LEU B 510 20.86 -0.25 -14.83
C LEU B 510 20.33 0.89 -15.69
N ALA B 511 19.11 1.29 -15.42
CA ALA B 511 18.57 2.43 -16.08
C ALA B 511 19.52 3.61 -15.93
N GLY B 512 19.76 4.30 -17.03
CA GLY B 512 20.65 5.44 -17.09
C GLY B 512 22.00 5.18 -17.74
N LEU B 513 22.48 3.94 -17.74
CA LEU B 513 23.75 3.59 -18.36
C LEU B 513 23.54 3.51 -19.89
N HIS B 514 24.12 4.46 -20.60
CA HIS B 514 24.08 4.49 -22.06
C HIS B 514 25.51 4.34 -22.55
N SER B 515 25.66 3.77 -23.73
CA SER B 515 27.00 3.47 -24.23
C SER B 515 26.99 3.38 -25.74
N MET B 516 27.90 4.08 -26.39
CA MET B 516 27.98 3.94 -27.84
C MET B 516 28.48 2.57 -28.23
N TYR B 517 29.18 1.89 -27.33
CA TYR B 517 29.81 0.62 -27.64
C TYR B 517 28.89 -0.57 -27.44
N THR B 518 27.62 -0.35 -27.09
CA THR B 518 26.67 -1.43 -26.84
C THR B 518 27.26 -2.47 -25.89
N ASP B 519 27.73 -1.99 -24.73
CA ASP B 519 28.38 -2.87 -23.78
C ASP B 519 27.37 -3.46 -22.82
N MET B 520 27.76 -4.56 -22.18
CA MET B 520 26.93 -5.12 -21.13
C MET B 520 26.67 -4.05 -20.06
N TRP B 521 25.47 -4.14 -19.47
CA TRP B 521 24.85 -3.30 -18.44
C TRP B 521 24.24 -2.05 -19.01
N SER B 522 24.47 -1.71 -20.28
CA SER B 522 23.84 -0.54 -20.88
C SER B 522 22.47 -0.89 -21.43
N GLU B 523 21.63 0.14 -21.53
CA GLU B 523 20.30 -0.02 -22.10
C GLU B 523 20.36 -0.45 -23.56
N GLU B 524 21.33 0.08 -24.32
CA GLU B 524 21.47 -0.39 -25.69
C GLU B 524 21.71 -1.90 -25.75
N TYR B 525 22.49 -2.43 -24.80
CA TYR B 525 22.78 -3.86 -24.81
C TYR B 525 21.54 -4.67 -24.51
N GLN B 526 20.70 -4.20 -23.59
CA GLN B 526 19.46 -4.91 -23.36
C GLN B 526 18.65 -4.96 -24.65
N CYS B 527 18.53 -3.82 -25.34
CA CYS B 527 17.72 -3.81 -26.56
C CYS B 527 18.28 -4.78 -27.60
N ALA B 528 19.58 -4.67 -27.88
CA ALA B 528 20.22 -5.50 -28.91
C ALA B 528 20.13 -6.97 -28.57
N TRP B 529 20.41 -7.30 -27.32
CA TRP B 529 20.39 -8.69 -26.89
C TRP B 529 19.00 -9.28 -27.02
N LEU B 530 17.99 -8.61 -26.45
CA LEU B 530 16.64 -9.15 -26.54
C LEU B 530 16.20 -9.31 -27.99
N ASP B 531 16.57 -8.38 -28.87
CA ASP B 531 16.07 -8.50 -30.24
C ASP B 531 16.82 -9.56 -31.05
N MET B 532 18.11 -9.78 -30.77
CA MET B 532 18.78 -10.94 -31.39
C MET B 532 18.15 -12.26 -30.94
N TYR B 533 17.93 -12.41 -29.63
CA TYR B 533 17.13 -13.55 -29.18
C TYR B 533 15.83 -13.66 -29.96
N HIS B 534 15.18 -12.51 -30.20
CA HIS B 534 13.91 -12.51 -30.94
C HIS B 534 14.10 -13.01 -32.38
N ARG B 535 15.22 -12.64 -33.01
CA ARG B 535 15.51 -13.11 -34.37
C ARG B 535 15.61 -14.63 -34.44
N VAL B 536 16.30 -15.26 -33.47
CA VAL B 536 16.34 -16.73 -33.51
C VAL B 536 14.98 -17.32 -33.18
N PHE B 537 14.23 -16.72 -32.25
CA PHE B 537 12.90 -17.25 -31.97
C PHE B 537 12.08 -17.32 -33.26
N ASP B 538 12.11 -16.24 -34.03
CA ASP B 538 11.41 -16.14 -35.31
C ASP B 538 11.70 -17.30 -36.26
N ARG B 539 12.85 -17.96 -36.10
CA ARG B 539 13.32 -18.92 -37.08
C ARG B 539 13.23 -20.38 -36.67
N VAL B 540 12.74 -20.70 -35.47
CA VAL B 540 12.65 -22.10 -35.07
C VAL B 540 11.22 -22.48 -34.75
N SER B 541 10.78 -23.59 -35.36
CA SER B 541 9.39 -24.04 -35.32
C SER B 541 8.87 -24.18 -33.89
N ALA B 542 9.67 -24.78 -33.00
CA ALA B 542 9.10 -25.30 -31.77
C ALA B 542 8.93 -24.25 -30.68
N VAL B 543 9.53 -23.07 -30.79
CA VAL B 543 9.33 -22.11 -29.72
C VAL B 543 7.94 -21.49 -29.86
N VAL B 544 7.11 -21.70 -28.85
CA VAL B 544 5.73 -21.25 -28.83
C VAL B 544 5.51 -20.18 -27.78
N GLY B 545 6.59 -19.68 -27.18
CA GLY B 545 6.46 -18.71 -26.12
C GLY B 545 7.75 -18.01 -25.75
N GLU B 546 7.61 -16.74 -25.34
CA GLU B 546 8.70 -15.87 -24.90
C GLU B 546 8.21 -15.05 -23.72
N GLN B 547 8.88 -15.19 -22.60
CA GLN B 547 8.62 -14.40 -21.42
C GLN B 547 9.96 -13.89 -20.93
N VAL B 548 10.20 -12.57 -21.03
CA VAL B 548 11.52 -12.06 -20.65
C VAL B 548 11.78 -12.21 -19.15
N TRP B 549 13.07 -12.29 -18.80
CA TRP B 549 13.39 -12.45 -17.39
C TRP B 549 13.31 -11.09 -16.72
N ASN B 550 12.25 -11.02 -15.94
CA ASN B 550 11.64 -9.99 -15.14
C ASN B 550 11.22 -8.69 -15.76
N PHE B 551 10.02 -8.41 -15.33
CA PHE B 551 9.29 -7.22 -15.67
C PHE B 551 9.88 -6.03 -14.95
N ALA B 552 10.13 -6.15 -13.63
CA ALA B 552 10.76 -5.09 -12.87
C ALA B 552 11.95 -5.63 -12.11
N ASP B 553 12.85 -4.72 -11.76
CA ASP B 553 13.99 -5.05 -10.90
C ASP B 553 13.47 -5.42 -9.52
N PHE B 554 14.14 -6.39 -8.89
CA PHE B 554 13.73 -6.90 -7.59
C PHE B 554 14.96 -7.09 -6.70
N ALA B 555 14.70 -7.27 -5.41
CA ALA B 555 15.76 -7.37 -4.42
C ALA B 555 16.24 -8.80 -4.29
N THR B 556 17.53 -8.97 -3.99
CA THR B 556 18.14 -10.27 -3.81
C THR B 556 19.01 -10.19 -2.56
N SER B 557 19.58 -11.30 -2.13
CA SER B 557 20.53 -11.13 -1.03
C SER B 557 21.83 -10.52 -1.58
N GLN B 558 22.65 -10.00 -0.67
CA GLN B 558 23.82 -9.24 -1.07
C GLN B 558 24.96 -10.08 -1.64
N GLY B 559 25.57 -9.58 -2.71
CA GLY B 559 26.69 -10.28 -3.33
C GLY B 559 27.33 -9.45 -4.42
N ILE B 560 28.52 -9.89 -4.84
CA ILE B 560 29.29 -9.13 -5.82
C ILE B 560 28.70 -9.18 -7.23
N LEU B 561 27.64 -9.98 -7.44
CA LEU B 561 26.99 -10.06 -8.74
C LEU B 561 25.76 -9.17 -8.85
N ARG B 562 25.28 -8.62 -7.74
CA ARG B 562 24.01 -7.93 -7.68
C ARG B 562 24.20 -6.51 -7.17
N VAL B 563 23.88 -5.51 -7.98
CA VAL B 563 24.04 -4.11 -7.58
C VAL B 563 22.68 -3.65 -7.01
N GLY B 564 22.55 -3.73 -5.70
CA GLY B 564 21.29 -3.34 -5.11
C GLY B 564 20.10 -4.19 -5.51
N GLY B 565 20.30 -5.40 -6.04
CA GLY B 565 19.25 -6.29 -6.44
C GLY B 565 19.56 -6.81 -7.81
N ASN B 566 18.64 -7.61 -8.37
CA ASN B 566 18.71 -8.09 -9.74
C ASN B 566 18.22 -6.99 -10.66
N LYS B 567 19.06 -6.51 -11.57
CA LYS B 567 18.69 -5.41 -12.44
C LYS B 567 18.27 -5.88 -13.83
N LYS B 568 17.77 -7.11 -13.95
CA LYS B 568 17.37 -7.70 -15.21
C LYS B 568 15.98 -7.23 -15.67
N GLY B 569 15.37 -6.33 -14.93
CA GLY B 569 14.02 -5.93 -15.23
C GLY B 569 13.92 -5.04 -16.46
N ILE B 570 12.75 -5.11 -17.11
CA ILE B 570 12.38 -4.19 -18.19
C ILE B 570 12.01 -2.83 -17.61
N PHE B 571 11.43 -2.82 -16.42
CA PHE B 571 11.11 -1.64 -15.63
C PHE B 571 11.99 -1.62 -14.39
N THR B 572 12.19 -0.43 -13.86
CA THR B 572 12.86 -0.28 -12.58
C THR B 572 11.93 -0.72 -11.46
N ARG B 573 12.49 -0.86 -10.25
CA ARG B 573 11.69 -1.33 -9.12
C ARG B 573 10.52 -0.41 -8.82
N ASP B 574 10.65 0.89 -9.08
CA ASP B 574 9.52 1.79 -8.95
C ASP B 574 8.74 1.94 -10.24
N ARG B 575 8.86 0.95 -11.13
CA ARG B 575 7.97 0.81 -12.28
C ARG B 575 8.19 1.88 -13.35
N LYS B 576 9.48 2.30 -13.55
CA LYS B 576 9.79 3.20 -14.66
C LYS B 576 10.47 2.46 -15.80
N PRO B 577 10.15 2.80 -17.06
CA PRO B 577 10.54 1.93 -18.18
C PRO B 577 11.96 2.20 -18.64
N LYS B 578 12.73 1.13 -18.82
CA LYS B 578 13.99 1.22 -19.56
C LYS B 578 13.69 1.26 -21.08
N SER B 579 14.74 1.49 -21.88
CA SER B 579 14.55 1.60 -23.33
C SER B 579 13.92 0.33 -23.93
N ALA B 580 14.32 -0.85 -23.41
CA ALA B 580 13.79 -2.10 -23.94
C ALA B 580 12.29 -2.22 -23.77
N ALA B 581 11.69 -1.48 -22.82
CA ALA B 581 10.23 -1.51 -22.65
C ALA B 581 9.52 -1.04 -23.91
N PHE B 582 10.16 -0.17 -24.68
CA PHE B 582 9.59 0.25 -25.95
C PHE B 582 9.98 -0.66 -27.08
N LEU B 583 11.09 -1.39 -26.96
CA LEU B 583 11.39 -2.43 -27.95
C LEU B 583 10.29 -3.49 -27.91
N LEU B 584 10.08 -4.07 -26.73
CA LEU B 584 9.10 -5.15 -26.58
C LEU B 584 7.71 -4.67 -26.98
N GLN B 585 7.32 -3.49 -26.49
CA GLN B 585 6.01 -2.97 -26.86
C GLN B 585 5.81 -2.93 -28.36
N LYS B 586 6.87 -2.62 -29.13
CA LYS B 586 6.72 -2.57 -30.57
C LYS B 586 6.56 -3.95 -31.18
N ARG B 587 7.28 -4.95 -30.63
CA ARG B 587 7.18 -6.30 -31.17
C ARG B 587 5.89 -6.98 -30.70
N TRP B 588 5.62 -6.98 -29.39
CA TRP B 588 4.49 -7.75 -28.86
C TRP B 588 3.14 -7.20 -29.32
N THR B 589 3.05 -5.92 -29.67
CA THR B 589 1.80 -5.42 -30.25
C THR B 589 1.81 -5.41 -31.77
N GLY B 590 2.95 -5.69 -32.39
CA GLY B 590 3.03 -5.79 -33.84
C GLY B 590 2.44 -7.07 -34.40
N MET B 591 2.83 -8.22 -33.83
CA MET B 591 2.18 -9.49 -34.15
C MET B 591 0.67 -9.42 -33.89
N ASN B 592 -0.13 -10.27 -34.56
CA ASN B 592 -1.46 -10.34 -33.93
C ASN B 592 -1.54 -11.31 -32.79
N PHE B 593 -2.62 -11.13 -32.04
CA PHE B 593 -2.78 -11.73 -30.72
C PHE B 593 -2.70 -13.24 -30.82
N GLY B 594 -1.80 -13.81 -30.02
CA GLY B 594 -1.57 -15.23 -29.94
C GLY B 594 -0.87 -15.87 -31.12
N GLU B 595 -0.43 -15.11 -32.12
CA GLU B 595 0.18 -15.65 -33.33
C GLU B 595 1.64 -15.21 -33.42
N LYS B 596 2.56 -16.15 -33.81
CA LYS B 596 3.99 -15.83 -33.75
C LYS B 596 4.45 -15.08 -35.00
N PRO B 597 5.32 -14.07 -34.86
CA PRO B 597 5.87 -13.43 -36.07
C PRO B 597 6.66 -14.45 -36.86
N GLN B 598 6.38 -14.55 -38.15
CA GLN B 598 7.10 -15.51 -38.97
C GLN B 598 8.50 -14.96 -39.31
N GLN B 599 9.33 -15.81 -39.94
CA GLN B 599 10.68 -15.40 -40.32
C GLN B 599 10.64 -14.47 -41.54
N GLY B 600 11.45 -13.41 -41.50
CA GLY B 600 11.56 -12.43 -42.58
C GLY B 600 12.63 -12.75 -43.62
#